data_7C7D
#
_entry.id   7C7D
#
_cell.length_a   62.508
_cell.length_b   91.329
_cell.length_c   164.447
_cell.angle_alpha   90.000
_cell.angle_beta   90.000
_cell.angle_gamma   90.000
#
_symmetry.space_group_name_H-M   'P 21 21 21'
#
loop_
_entity.id
_entity.type
_entity.pdbx_description
1 polymer alpha-1,3-glucanase
2 non-polymer 'CALCIUM ION'
3 non-polymer 'PENTAETHYLENE GLYCOL'
4 water water
#
_entity_poly.entity_id   1
_entity_poly.type   'polypeptide(L)'
_entity_poly.pdbx_seq_one_letter_code
;MHGTTRTPAARRRLSAIGAAVALAAGMLVALGAPTAQAAPAAQAAPAAQAATAGADLPFTSVEAESATTTGTKIGPDYTQ
GTLASEASGRQAVRLDAGQRVEFTVPRAANALTVAYSVPDGQSGTLDVYVNGTKLDRSLTVTSKYSYVDTGWIPGAKTHH
FYDNTRLLLGRDVQAGDTVTLQATNVQVTVDVADFEQVSAAAGQPAGSVSVTDKGADPTGQGDSTQAFRDAIAAAQGGVV
WIPPGDYRITGPLSGVQNVTLQGAGSWYSVVHSSHFIDQTDSAGHVHLKDFAVIGEVTERVDSSPDNFVNGSLGPGSSVS
GMWIQHVKVGLWLTGTNDDLVVENNRILDTTADGLNLNGTAKNVTVRDNFLRNQGDDALAMWSLYAPDTDCRFENNTITQ
PNLANGIAIYGGTDITVKGNLISDTNALGSGIAISNQKFAEPFHPLAGTITVDGNTLVRTGAINPNWNHPMGALRVDSYD
SAIEARVDITDTTITDSPYSAFEFVSGGGQGHAVKNVTVDGAAVKNTGTVVVQAEAPGEATFRNVTATGTGAAGIYNCPF
PSGSGTFTVTDGGGNSGWDTTWSDCSTWPQPGQGNPEKLAAALEHHHHHH
;
_entity_poly.pdbx_strand_id   A,B
#
loop_
_chem_comp.id
_chem_comp.type
_chem_comp.name
_chem_comp.formula
1PE non-polymer 'PENTAETHYLENE GLYCOL' 'C10 H22 O6'
CA non-polymer 'CALCIUM ION' 'Ca 2'
#
# COMPACT_ATOMS: atom_id res chain seq x y z
N ALA A 53 3.45 1.56 -5.58
CA ALA A 53 4.80 1.53 -5.02
C ALA A 53 5.63 2.72 -5.48
N GLY A 54 6.61 3.07 -4.66
CA GLY A 54 7.55 4.13 -4.99
C GLY A 54 7.28 5.39 -4.21
N ALA A 55 8.17 6.35 -4.47
CA ALA A 55 8.08 7.64 -3.82
C ALA A 55 6.96 8.48 -4.42
N ASP A 56 6.36 9.32 -3.58
CA ASP A 56 5.44 10.35 -4.03
C ASP A 56 6.29 11.52 -4.48
N LEU A 57 6.41 11.70 -5.79
CA LEU A 57 7.36 12.64 -6.35
C LEU A 57 6.66 13.72 -7.16
N PRO A 58 7.13 14.96 -7.09
CA PRO A 58 6.51 16.05 -7.86
C PRO A 58 7.04 16.13 -9.28
N PHE A 59 7.48 15.00 -9.84
CA PHE A 59 7.93 14.96 -11.22
C PHE A 59 7.44 13.68 -11.88
N THR A 60 7.41 13.70 -13.21
CA THR A 60 7.09 12.53 -14.02
C THR A 60 8.19 12.33 -15.04
N SER A 61 8.66 11.09 -15.17
CA SER A 61 9.71 10.75 -16.11
C SER A 61 9.11 10.31 -17.44
N VAL A 62 9.78 10.68 -18.53
CA VAL A 62 9.43 10.22 -19.87
C VAL A 62 10.68 9.62 -20.48
N GLU A 63 10.61 8.36 -20.85
CA GLU A 63 11.75 7.70 -21.49
C GLU A 63 12.00 8.33 -22.84
N ALA A 64 13.27 8.57 -23.16
CA ALA A 64 13.59 9.17 -24.45
C ALA A 64 13.13 8.29 -25.60
N GLU A 65 13.19 6.97 -25.43
CA GLU A 65 12.80 6.04 -26.47
C GLU A 65 11.29 6.06 -26.72
N SER A 66 10.51 6.70 -25.85
CA SER A 66 9.08 6.88 -26.06
C SER A 66 8.74 8.22 -26.70
N ALA A 67 9.74 9.04 -26.98
CA ALA A 67 9.53 10.36 -27.55
C ALA A 67 9.81 10.32 -29.05
N THR A 68 9.54 11.43 -29.71
CA THR A 68 9.71 11.50 -31.16
C THR A 68 11.10 12.03 -31.45
N THR A 69 11.84 11.33 -32.31
CA THR A 69 13.26 11.62 -32.46
C THR A 69 13.74 11.48 -33.89
N THR A 70 14.81 12.21 -34.19
CA THR A 70 15.57 12.03 -35.42
C THR A 70 16.89 11.31 -35.16
N GLY A 71 17.14 10.87 -33.93
CA GLY A 71 18.30 10.10 -33.58
C GLY A 71 18.04 8.60 -33.70
N THR A 72 18.90 7.83 -33.04
CA THR A 72 18.92 6.37 -33.20
C THR A 72 18.68 5.73 -31.85
N LYS A 73 17.65 4.89 -31.77
CA LYS A 73 17.37 4.17 -30.53
CA LYS A 73 17.38 4.18 -30.53
C LYS A 73 18.41 3.08 -30.32
N ILE A 74 18.90 2.96 -29.09
CA ILE A 74 19.79 1.87 -28.69
C ILE A 74 19.05 0.99 -27.69
N GLY A 75 19.44 -0.30 -27.65
CA GLY A 75 18.81 -1.25 -26.76
C GLY A 75 17.53 -1.80 -27.35
N PRO A 76 16.83 -2.67 -26.62
CA PRO A 76 17.19 -3.11 -25.26
C PRO A 76 18.38 -4.06 -25.23
N ASP A 77 19.20 -3.96 -24.19
CA ASP A 77 20.32 -4.85 -23.99
C ASP A 77 20.59 -4.90 -22.49
N TYR A 78 20.75 -6.10 -21.96
CA TYR A 78 21.09 -6.30 -20.55
C TYR A 78 22.55 -6.65 -20.35
N THR A 79 23.30 -6.83 -21.43
CA THR A 79 24.67 -7.33 -21.34
C THR A 79 25.52 -6.41 -20.47
N GLN A 80 26.19 -7.00 -19.48
CA GLN A 80 26.99 -6.23 -18.54
C GLN A 80 28.01 -5.37 -19.27
N GLY A 81 28.09 -4.11 -18.87
CA GLY A 81 29.09 -3.20 -19.40
C GLY A 81 28.71 -2.48 -20.67
N THR A 82 27.52 -2.72 -21.23
CA THR A 82 27.09 -2.01 -22.41
C THR A 82 26.37 -0.72 -22.04
N LEU A 83 26.41 0.25 -22.97
CA LEU A 83 25.75 1.52 -22.73
C LEU A 83 24.26 1.34 -22.51
N ALA A 84 23.60 0.51 -23.32
CA ALA A 84 22.16 0.31 -23.17
C ALA A 84 21.82 -0.33 -21.83
N SER A 85 22.69 -1.18 -21.29
CA SER A 85 22.35 -1.90 -20.06
C SER A 85 22.15 -0.96 -18.89
N GLU A 86 22.82 0.18 -18.89
CA GLU A 86 22.70 1.14 -17.79
C GLU A 86 21.61 2.17 -18.02
N ALA A 87 20.91 2.12 -19.16
CA ALA A 87 19.82 3.05 -19.41
C ALA A 87 18.54 2.59 -18.73
N SER A 88 17.78 3.56 -18.22
CA SER A 88 16.42 3.29 -17.79
C SER A 88 15.65 2.63 -18.93
N GLY A 89 14.97 1.52 -18.63
CA GLY A 89 14.31 0.76 -19.67
C GLY A 89 15.23 0.01 -20.61
N ARG A 90 16.53 0.02 -20.34
CA ARG A 90 17.55 -0.62 -21.17
C ARG A 90 17.61 -0.03 -22.57
N GLN A 91 17.07 1.17 -22.75
CA GLN A 91 17.02 1.82 -24.06
C GLN A 91 17.27 3.31 -23.89
N ALA A 92 17.82 3.92 -24.94
CA ALA A 92 18.09 5.35 -24.96
C ALA A 92 18.11 5.77 -26.43
N VAL A 93 18.34 7.06 -26.65
CA VAL A 93 18.35 7.61 -28.01
C VAL A 93 19.66 8.35 -28.23
N ARG A 94 20.45 7.89 -29.20
CA ARG A 94 21.71 8.53 -29.53
C ARG A 94 21.45 9.66 -30.51
N LEU A 95 21.84 10.87 -30.12
CA LEU A 95 21.68 12.05 -30.97
C LEU A 95 23.05 12.46 -31.47
N ASP A 96 23.31 12.26 -32.75
CA ASP A 96 24.39 12.99 -33.37
C ASP A 96 24.09 14.48 -33.27
N ALA A 97 25.14 15.29 -33.34
CA ALA A 97 24.85 16.60 -33.87
C ALA A 97 24.14 16.33 -35.20
N GLY A 98 22.84 16.13 -35.10
CA GLY A 98 21.92 16.32 -36.21
C GLY A 98 20.58 16.62 -35.63
N GLN A 99 20.44 16.19 -34.41
CA GLN A 99 19.32 15.36 -34.10
C GLN A 99 18.72 15.78 -32.77
N ARG A 100 17.44 15.47 -32.63
CA ARG A 100 16.67 15.97 -31.53
C ARG A 100 15.76 14.88 -31.03
N VAL A 101 15.32 15.05 -29.79
CA VAL A 101 14.26 14.22 -29.24
C VAL A 101 13.22 15.16 -28.69
N GLU A 102 11.97 14.96 -29.10
CA GLU A 102 10.87 15.86 -28.80
C GLU A 102 9.94 15.15 -27.83
N PHE A 103 9.91 15.63 -26.59
CA PHE A 103 9.09 15.05 -25.55
C PHE A 103 7.73 15.74 -25.51
N THR A 104 6.69 14.94 -25.31
CA THR A 104 5.40 15.49 -24.94
C THR A 104 5.36 15.63 -23.43
N VAL A 105 5.14 16.84 -22.95
CA VAL A 105 5.18 17.13 -21.52
C VAL A 105 4.07 16.35 -20.82
N PRO A 106 4.36 15.60 -19.76
CA PRO A 106 3.34 14.75 -19.13
C PRO A 106 2.52 15.44 -18.06
N ARG A 107 2.92 16.62 -17.60
CA ARG A 107 2.28 17.29 -16.46
C ARG A 107 2.83 18.71 -16.41
N ALA A 108 2.16 19.55 -15.63
CA ALA A 108 2.66 20.90 -15.40
C ALA A 108 4.08 20.85 -14.85
N ALA A 109 4.96 21.63 -15.46
CA ALA A 109 6.36 21.58 -15.07
C ALA A 109 7.02 22.90 -15.41
N ASN A 110 8.06 23.24 -14.66
CA ASN A 110 8.89 24.39 -14.93
C ASN A 110 10.37 24.05 -14.81
N ALA A 111 10.70 22.76 -14.71
CA ALA A 111 12.06 22.32 -14.49
C ALA A 111 12.26 20.98 -15.19
N LEU A 112 13.51 20.72 -15.56
CA LEU A 112 13.86 19.57 -16.38
C LEU A 112 15.13 18.94 -15.85
N THR A 113 15.11 17.62 -15.64
CA THR A 113 16.33 16.85 -15.37
C THR A 113 16.44 15.78 -16.44
N VAL A 114 17.63 15.65 -17.03
CA VAL A 114 17.86 14.72 -18.14
C VAL A 114 18.99 13.77 -17.78
N ALA A 115 18.74 12.47 -17.89
CA ALA A 115 19.79 11.46 -17.75
C ALA A 115 20.35 11.18 -19.14
N TYR A 116 21.67 11.21 -19.27
CA TYR A 116 22.30 11.18 -20.58
C TYR A 116 23.71 10.63 -20.42
N SER A 117 24.33 10.29 -21.55
CA SER A 117 25.75 9.96 -21.61
C SER A 117 26.38 10.66 -22.80
N VAL A 118 27.63 11.11 -22.65
CA VAL A 118 28.44 11.54 -23.78
C VAL A 118 29.71 10.74 -23.77
N PRO A 119 30.44 10.69 -24.89
CA PRO A 119 31.65 9.84 -24.94
C PRO A 119 32.70 10.30 -23.94
N ASP A 120 33.42 9.32 -23.40
CA ASP A 120 34.41 9.61 -22.37
C ASP A 120 35.47 10.55 -22.93
N GLY A 121 35.80 11.58 -22.14
CA GLY A 121 36.73 12.61 -22.57
C GLY A 121 36.09 13.83 -23.17
N GLN A 122 34.80 13.78 -23.49
CA GLN A 122 34.14 14.86 -24.21
C GLN A 122 33.11 15.54 -23.33
N SER A 123 32.70 16.73 -23.77
CA SER A 123 31.69 17.49 -23.08
C SER A 123 31.10 18.48 -24.07
N GLY A 124 29.98 19.07 -23.68
CA GLY A 124 29.35 20.09 -24.52
C GLY A 124 28.06 20.54 -23.91
N THR A 125 27.09 20.88 -24.76
CA THR A 125 25.81 21.34 -24.29
C THR A 125 24.72 20.67 -25.11
N LEU A 126 23.50 20.75 -24.58
CA LEU A 126 22.32 20.20 -25.24
C LEU A 126 21.27 21.32 -25.24
N ASP A 127 20.85 21.73 -26.43
CA ASP A 127 19.91 22.84 -26.53
C ASP A 127 18.50 22.37 -26.15
N VAL A 128 17.71 23.31 -25.63
CA VAL A 128 16.34 23.05 -25.20
C VAL A 128 15.41 23.99 -25.96
N TYR A 129 14.38 23.41 -26.57
CA TYR A 129 13.33 24.16 -27.24
C TYR A 129 12.02 23.86 -26.54
N VAL A 130 11.16 24.86 -26.45
CA VAL A 130 9.82 24.69 -25.94
C VAL A 130 8.87 25.23 -27.01
N ASN A 131 8.09 24.33 -27.61
CA ASN A 131 7.12 24.69 -28.65
C ASN A 131 7.81 25.27 -29.87
N GLY A 132 8.96 24.69 -30.24
CA GLY A 132 9.69 25.12 -31.41
C GLY A 132 10.52 26.37 -31.25
N THR A 133 10.47 27.02 -30.09
CA THR A 133 11.26 28.22 -29.82
C THR A 133 12.42 27.85 -28.90
N LYS A 134 13.62 28.23 -29.30
CA LYS A 134 14.82 27.88 -28.54
C LYS A 134 14.86 28.64 -27.22
N LEU A 135 15.08 27.90 -26.13
CA LEU A 135 15.30 28.55 -24.85
C LEU A 135 16.69 29.19 -24.83
N ASP A 136 16.84 30.22 -23.99
CA ASP A 136 18.07 30.98 -23.95
C ASP A 136 19.10 30.40 -23.00
N ARG A 137 18.92 29.15 -22.59
CA ARG A 137 19.96 28.44 -21.86
C ARG A 137 19.95 27.02 -22.38
N SER A 138 21.05 26.32 -22.14
CA SER A 138 21.21 24.95 -22.58
CA SER A 138 21.20 24.95 -22.58
C SER A 138 21.61 24.09 -21.39
N LEU A 139 21.49 22.79 -21.58
CA LEU A 139 21.93 21.86 -20.56
C LEU A 139 23.41 21.58 -20.76
N THR A 140 24.17 21.60 -19.67
CA THR A 140 25.57 21.19 -19.73
C THR A 140 25.64 19.67 -19.68
N VAL A 141 26.37 19.08 -20.62
CA VAL A 141 26.54 17.64 -20.68
C VAL A 141 28.02 17.32 -20.65
N THR A 142 28.40 16.32 -19.86
CA THR A 142 29.81 16.01 -19.71
C THR A 142 29.99 14.54 -19.38
N SER A 143 31.21 14.06 -19.63
CA SER A 143 31.67 12.74 -19.21
C SER A 143 32.50 12.79 -17.93
N LYS A 144 32.69 13.98 -17.36
CA LYS A 144 33.59 14.15 -16.23
C LYS A 144 33.23 13.25 -15.06
N TYR A 145 31.94 13.09 -14.78
CA TYR A 145 31.48 12.34 -13.62
C TYR A 145 31.16 10.88 -13.94
N SER A 146 31.47 10.45 -15.16
CA SER A 146 31.08 9.15 -15.68
C SER A 146 32.32 8.32 -16.01
N TYR A 147 32.08 7.04 -16.33
CA TYR A 147 33.14 6.10 -16.72
C TYR A 147 34.06 5.79 -15.55
N VAL A 148 33.54 4.97 -14.63
CA VAL A 148 34.18 4.68 -13.36
C VAL A 148 34.64 3.23 -13.38
N ASP A 149 35.90 3.00 -13.02
CA ASP A 149 36.45 1.67 -12.85
C ASP A 149 36.55 1.35 -11.37
N THR A 150 36.21 0.11 -11.03
CA THR A 150 36.39 -0.43 -9.67
C THR A 150 37.00 -1.82 -9.80
N GLY A 151 38.30 -1.87 -10.17
CA GLY A 151 38.96 -3.14 -10.43
C GLY A 151 39.07 -4.03 -9.21
N TRP A 152 38.94 -3.48 -8.01
CA TRP A 152 39.02 -4.27 -6.79
C TRP A 152 37.71 -5.01 -6.48
N ILE A 153 36.64 -4.71 -7.20
CA ILE A 153 35.36 -5.41 -7.03
C ILE A 153 35.32 -6.55 -8.03
N PRO A 154 35.43 -7.81 -7.61
CA PRO A 154 35.50 -8.92 -8.57
C PRO A 154 34.27 -8.98 -9.45
N GLY A 155 34.50 -9.05 -10.75
CA GLY A 155 33.43 -9.15 -11.72
C GLY A 155 32.91 -7.82 -12.23
N ALA A 156 33.25 -6.71 -11.58
CA ALA A 156 32.79 -5.41 -12.05
C ALA A 156 33.53 -5.02 -13.32
N LYS A 157 32.82 -4.35 -14.21
CA LYS A 157 33.38 -3.76 -15.41
C LYS A 157 33.24 -2.24 -15.31
N THR A 158 33.90 -1.52 -16.22
CA THR A 158 33.71 -0.07 -16.30
C THR A 158 32.22 0.22 -16.33
N HIS A 159 31.82 1.25 -15.59
CA HIS A 159 30.39 1.48 -15.37
C HIS A 159 30.16 2.97 -15.18
N HIS A 160 28.93 3.32 -14.83
CA HIS A 160 28.58 4.70 -14.52
C HIS A 160 28.68 5.59 -15.77
N PHE A 161 28.06 5.14 -16.86
CA PHE A 161 28.19 5.83 -18.14
C PHE A 161 27.34 7.10 -18.21
N TYR A 162 26.26 7.15 -17.45
CA TYR A 162 25.30 8.24 -17.54
C TYR A 162 25.55 9.26 -16.44
N ASP A 163 24.78 10.35 -16.52
CA ASP A 163 24.88 11.48 -15.62
C ASP A 163 23.54 12.21 -15.74
N ASN A 164 23.26 13.09 -14.79
CA ASN A 164 22.02 13.85 -14.79
C ASN A 164 22.34 15.33 -14.83
N THR A 165 21.69 16.05 -15.73
CA THR A 165 21.86 17.48 -15.87
C THR A 165 20.48 18.13 -15.77
N ARG A 166 20.41 19.28 -15.11
CA ARG A 166 19.13 19.90 -14.81
C ARG A 166 19.12 21.37 -15.21
N LEU A 167 17.91 21.90 -15.37
CA LEU A 167 17.73 23.28 -15.78
C LEU A 167 16.33 23.72 -15.39
N LEU A 168 16.23 24.88 -14.75
CA LEU A 168 14.94 25.56 -14.65
C LEU A 168 14.58 26.08 -16.03
N LEU A 169 13.33 25.85 -16.45
CA LEU A 169 12.96 26.23 -17.82
C LEU A 169 12.77 27.73 -17.98
N GLY A 170 12.59 28.48 -16.89
CA GLY A 170 12.20 29.87 -17.01
C GLY A 170 10.78 30.07 -17.51
N ARG A 171 10.05 28.98 -17.68
CA ARG A 171 8.71 28.92 -18.25
C ARG A 171 8.00 27.82 -17.47
N ASP A 172 6.68 27.85 -17.47
CA ASP A 172 5.90 26.73 -16.94
C ASP A 172 5.11 26.08 -18.07
N VAL A 173 5.69 25.02 -18.65
CA VAL A 173 5.04 24.24 -19.69
C VAL A 173 3.91 23.41 -19.07
N GLN A 174 3.05 22.85 -19.91
CA GLN A 174 1.91 22.08 -19.44
C GLN A 174 1.77 20.80 -20.26
N ALA A 175 0.95 19.88 -19.74
CA ALA A 175 0.75 18.60 -20.40
C ALA A 175 0.25 18.81 -21.83
N GLY A 176 0.90 18.16 -22.78
CA GLY A 176 0.63 18.36 -24.18
C GLY A 176 1.61 19.29 -24.87
N ASP A 177 2.30 20.14 -24.12
CA ASP A 177 3.36 20.95 -24.68
C ASP A 177 4.50 20.05 -25.15
N THR A 178 5.43 20.64 -25.90
CA THR A 178 6.58 19.92 -26.41
C THR A 178 7.85 20.53 -25.83
N VAL A 179 8.73 19.68 -25.31
CA VAL A 179 10.08 20.07 -24.93
C VAL A 179 11.02 19.24 -25.79
N THR A 180 11.86 19.92 -26.58
CA THR A 180 12.77 19.26 -27.49
C THR A 180 14.21 19.49 -27.04
N LEU A 181 14.97 18.42 -27.02
CA LEU A 181 16.40 18.48 -26.76
C LEU A 181 17.13 18.30 -28.09
N GLN A 182 18.01 19.22 -28.42
CA GLN A 182 18.69 19.25 -29.71
C GLN A 182 20.19 19.22 -29.49
N ALA A 183 20.86 18.18 -30.00
CA ALA A 183 22.31 18.09 -29.90
C ALA A 183 22.94 19.05 -30.91
N THR A 184 24.07 19.66 -30.55
CA THR A 184 24.68 20.66 -31.43
C THR A 184 26.20 20.53 -31.51
N ASN A 185 26.86 20.16 -30.41
CA ASN A 185 28.31 20.23 -30.34
C ASN A 185 28.95 18.98 -29.74
N VAL A 186 28.16 17.95 -29.46
CA VAL A 186 28.66 16.68 -28.96
C VAL A 186 27.54 15.67 -29.14
N GLN A 187 27.91 14.43 -29.39
CA GLN A 187 26.91 13.37 -29.53
C GLN A 187 26.38 12.99 -28.15
N VAL A 188 25.08 13.06 -27.96
CA VAL A 188 24.47 12.84 -26.65
C VAL A 188 23.51 11.66 -26.74
N THR A 189 23.68 10.69 -25.85
CA THR A 189 22.75 9.58 -25.72
C THR A 189 21.80 9.93 -24.59
N VAL A 190 20.53 10.21 -24.94
CA VAL A 190 19.53 10.65 -23.98
C VAL A 190 18.73 9.44 -23.50
N ASP A 191 18.67 9.26 -22.19
CA ASP A 191 18.01 8.09 -21.60
C ASP A 191 16.56 8.36 -21.23
N VAL A 192 16.34 9.40 -20.42
CA VAL A 192 15.04 9.67 -19.81
C VAL A 192 15.08 11.12 -19.34
N ALA A 193 13.93 11.78 -19.37
CA ALA A 193 13.80 13.16 -18.90
C ALA A 193 12.73 13.25 -17.83
N ASP A 194 13.00 14.01 -16.78
CA ASP A 194 12.07 14.21 -15.67
C ASP A 194 11.51 15.62 -15.75
N PHE A 195 10.18 15.74 -15.66
CA PHE A 195 9.50 17.03 -15.75
C PHE A 195 8.91 17.35 -14.39
N GLU A 196 9.41 18.41 -13.75
CA GLU A 196 9.12 18.71 -12.36
C GLU A 196 8.54 20.11 -12.21
N GLN A 197 7.60 20.26 -11.28
CA GLN A 197 7.11 21.56 -10.84
C GLN A 197 7.88 21.95 -9.59
N VAL A 198 8.79 22.92 -9.73
CA VAL A 198 9.59 23.41 -8.63
C VAL A 198 9.00 24.72 -8.14
N SER A 199 8.79 24.81 -6.83
CA SER A 199 8.26 26.03 -6.24
C SER A 199 9.24 27.18 -6.41
N ALA A 200 8.71 28.39 -6.35
CA ALA A 200 9.57 29.57 -6.32
C ALA A 200 10.47 29.51 -5.08
N ALA A 201 11.58 30.23 -5.16
CA ALA A 201 12.52 30.27 -4.04
C ALA A 201 11.80 30.76 -2.79
N ALA A 202 12.02 30.06 -1.67
CA ALA A 202 11.39 30.43 -0.42
C ALA A 202 12.08 31.64 0.20
N GLY A 203 11.35 32.33 1.08
CA GLY A 203 11.91 33.45 1.80
C GLY A 203 12.56 33.06 3.12
N GLN A 204 13.43 33.93 3.60
CA GLN A 204 14.18 33.64 4.81
C GLN A 204 13.24 33.62 6.02
N PRO A 205 13.25 32.55 6.82
CA PRO A 205 12.39 32.51 8.01
C PRO A 205 12.83 33.54 9.03
N ALA A 206 11.85 34.04 9.79
CA ALA A 206 12.14 35.06 10.79
C ALA A 206 13.03 34.49 11.88
N GLY A 207 14.04 35.27 12.27
CA GLY A 207 14.95 34.88 13.33
C GLY A 207 16.10 34.01 12.89
N SER A 208 16.17 33.62 11.63
CA SER A 208 17.26 32.77 11.19
C SER A 208 18.53 33.59 10.97
N VAL A 209 19.67 32.90 11.01
CA VAL A 209 20.98 33.51 10.82
C VAL A 209 21.44 33.15 9.41
N SER A 210 21.66 34.16 8.57
CA SER A 210 22.07 33.91 7.19
C SER A 210 23.56 33.66 7.11
N VAL A 211 23.95 32.66 6.30
CA VAL A 211 25.37 32.38 6.09
C VAL A 211 26.07 33.56 5.42
N THR A 212 25.36 34.33 4.60
CA THR A 212 26.00 35.47 3.94
C THR A 212 26.31 36.58 4.95
N ASP A 213 25.53 36.68 6.03
CA ASP A 213 25.87 37.63 7.08
C ASP A 213 27.13 37.23 7.84
N LYS A 214 27.52 35.96 7.76
CA LYS A 214 28.75 35.48 8.38
C LYS A 214 29.89 35.36 7.39
N GLY A 215 29.75 35.93 6.19
CA GLY A 215 30.83 35.99 5.25
C GLY A 215 30.81 34.97 4.14
N ALA A 216 29.74 34.19 4.01
CA ALA A 216 29.66 33.22 2.93
C ALA A 216 29.57 33.94 1.59
N ASP A 217 30.19 33.37 0.57
CA ASP A 217 30.21 33.97 -0.76
C ASP A 217 29.22 33.23 -1.64
N PRO A 218 28.05 33.81 -1.93
CA PRO A 218 27.06 33.13 -2.77
C PRO A 218 27.39 33.13 -4.25
N THR A 219 28.53 33.69 -4.66
CA THR A 219 28.98 33.56 -6.03
C THR A 219 29.83 32.31 -6.25
N GLY A 220 30.17 31.59 -5.18
CA GLY A 220 30.90 30.35 -5.30
C GLY A 220 32.39 30.49 -5.47
N GLN A 221 32.93 31.70 -5.30
CA GLN A 221 34.35 31.94 -5.53
C GLN A 221 35.18 31.61 -4.30
N GLY A 222 34.88 32.27 -3.17
CA GLY A 222 35.60 31.99 -1.95
C GLY A 222 35.03 30.78 -1.22
N ASP A 223 35.86 30.22 -0.34
CA ASP A 223 35.44 29.09 0.49
C ASP A 223 34.50 29.59 1.58
N SER A 224 33.32 28.98 1.66
CA SER A 224 32.29 29.37 2.62
C SER A 224 32.27 28.49 3.87
N THR A 225 33.23 27.56 4.01
CA THR A 225 33.19 26.62 5.13
C THR A 225 33.15 27.34 6.47
N GLN A 226 34.06 28.32 6.65
CA GLN A 226 34.13 28.99 7.94
C GLN A 226 32.84 29.78 8.23
N ALA A 227 32.27 30.42 7.21
CA ALA A 227 31.02 31.14 7.41
C ALA A 227 29.90 30.21 7.84
N PHE A 228 29.80 29.03 7.21
CA PHE A 228 28.77 28.08 7.63
C PHE A 228 29.02 27.63 9.07
N ARG A 229 30.29 27.36 9.39
CA ARG A 229 30.65 26.99 10.75
C ARG A 229 30.25 28.09 11.74
N ASP A 230 30.54 29.34 11.39
CA ASP A 230 30.20 30.47 12.28
C ASP A 230 28.69 30.61 12.41
N ALA A 231 27.95 30.44 11.32
CA ALA A 231 26.49 30.55 11.40
C ALA A 231 25.90 29.46 12.28
N ILE A 232 26.39 28.23 12.15
CA ILE A 232 25.91 27.13 12.97
C ILE A 232 26.14 27.44 14.45
N ALA A 233 27.33 27.94 14.79
CA ALA A 233 27.61 28.28 16.18
C ALA A 233 26.70 29.40 16.68
N ALA A 234 26.33 30.34 15.80
CA ALA A 234 25.49 31.47 16.21
C ALA A 234 24.01 31.16 16.20
N ALA A 235 23.60 30.02 15.65
CA ALA A 235 22.19 29.66 15.51
C ALA A 235 21.84 28.38 16.26
N GLN A 236 22.54 28.10 17.36
CA GLN A 236 22.26 26.91 18.15
C GLN A 236 20.84 26.97 18.70
N GLY A 237 20.10 25.89 18.53
CA GLY A 237 18.68 25.88 18.83
C GLY A 237 17.81 26.57 17.81
N GLY A 238 18.39 27.04 16.71
CA GLY A 238 17.65 27.80 15.73
C GLY A 238 17.95 27.42 14.30
N VAL A 239 17.87 28.38 13.39
CA VAL A 239 17.87 28.12 11.96
C VAL A 239 19.00 28.92 11.32
N VAL A 240 19.83 28.23 10.54
CA VAL A 240 20.78 28.85 9.64
C VAL A 240 20.15 28.90 8.26
N TRP A 241 20.13 30.09 7.66
CA TRP A 241 19.51 30.31 6.36
C TRP A 241 20.59 30.35 5.29
N ILE A 242 20.36 29.63 4.21
CA ILE A 242 21.26 29.63 3.05
C ILE A 242 20.51 30.31 1.90
N PRO A 243 20.79 31.59 1.62
CA PRO A 243 20.10 32.28 0.53
C PRO A 243 20.40 31.64 -0.81
N PRO A 244 19.57 31.89 -1.83
CA PRO A 244 19.91 31.42 -3.18
C PRO A 244 21.32 31.81 -3.58
N GLY A 245 22.03 30.89 -4.19
CA GLY A 245 23.40 31.13 -4.59
C GLY A 245 24.15 29.84 -4.73
N ASP A 246 25.45 29.98 -5.00
CA ASP A 246 26.38 28.86 -5.10
C ASP A 246 27.46 29.05 -4.06
N TYR A 247 27.70 28.04 -3.23
CA TYR A 247 28.61 28.15 -2.10
C TYR A 247 29.63 27.03 -2.17
N ARG A 248 30.90 27.38 -2.27
CA ARG A 248 31.96 26.40 -2.20
CA ARG A 248 31.95 26.38 -2.20
C ARG A 248 32.23 26.06 -0.74
N ILE A 249 32.15 24.78 -0.39
CA ILE A 249 32.47 24.31 0.95
CA ILE A 249 32.44 24.29 0.96
C ILE A 249 33.49 23.20 0.81
N THR A 250 34.78 23.54 1.02
CA THR A 250 35.80 22.50 1.01
C THR A 250 35.51 21.47 2.10
N GLY A 251 35.08 21.94 3.27
CA GLY A 251 34.61 21.06 4.32
C GLY A 251 35.75 20.37 5.05
N PRO A 252 35.41 19.49 5.99
CA PRO A 252 34.05 19.15 6.39
C PRO A 252 33.55 20.05 7.49
N LEU A 253 32.24 20.11 7.64
CA LEU A 253 31.62 20.63 8.85
C LEU A 253 31.51 19.50 9.87
N SER A 254 31.88 19.81 11.10
CA SER A 254 31.67 18.92 12.23
C SER A 254 31.06 19.74 13.37
N GLY A 255 30.73 19.09 14.48
CA GLY A 255 29.98 19.80 15.48
C GLY A 255 28.63 20.29 14.99
N VAL A 256 28.09 19.67 13.96
CA VAL A 256 26.74 20.01 13.49
C VAL A 256 25.75 19.34 14.44
N GLN A 257 25.14 20.14 15.30
CA GLN A 257 24.12 19.68 16.24
C GLN A 257 23.23 20.87 16.58
N ASN A 258 22.01 20.58 17.01
CA ASN A 258 21.09 21.59 17.53
C ASN A 258 20.92 22.75 16.55
N VAL A 259 20.64 22.42 15.29
CA VAL A 259 20.58 23.45 14.26
C VAL A 259 19.77 22.91 13.09
N THR A 260 19.04 23.82 12.45
CA THR A 260 18.42 23.58 11.16
C THR A 260 19.23 24.36 10.13
N LEU A 261 19.67 23.67 9.10
CA LEU A 261 20.33 24.28 7.95
CA LEU A 261 20.33 24.28 7.95
C LEU A 261 19.33 24.27 6.82
N GLN A 262 18.81 25.44 6.47
CA GLN A 262 17.68 25.55 5.55
C GLN A 262 18.03 26.45 4.39
N GLY A 263 17.85 25.91 3.17
CA GLY A 263 17.96 26.69 1.96
C GLY A 263 16.59 27.16 1.45
N ALA A 264 16.64 27.85 0.33
CA ALA A 264 15.44 28.37 -0.34
C ALA A 264 14.81 27.36 -1.27
N GLY A 265 15.33 26.14 -1.30
CA GLY A 265 14.96 25.14 -2.27
C GLY A 265 16.19 24.58 -2.95
N SER A 266 16.20 23.27 -3.22
CA SER A 266 17.38 22.63 -3.76
C SER A 266 17.73 23.05 -5.18
N TRP A 267 16.86 23.79 -5.86
CA TRP A 267 17.20 24.34 -7.17
C TRP A 267 17.75 25.76 -7.06
N TYR A 268 17.81 26.33 -5.86
CA TYR A 268 18.23 27.72 -5.66
C TYR A 268 19.44 27.87 -4.74
N SER A 269 19.46 27.14 -3.63
CA SER A 269 20.57 27.21 -2.67
C SER A 269 21.45 25.99 -2.90
N VAL A 270 22.62 26.20 -3.48
CA VAL A 270 23.45 25.11 -3.99
C VAL A 270 24.82 25.16 -3.33
N VAL A 271 25.13 24.14 -2.55
CA VAL A 271 26.45 23.95 -1.94
C VAL A 271 27.27 23.05 -2.85
N HIS A 272 28.49 23.46 -3.15
CA HIS A 272 29.44 22.68 -3.93
C HIS A 272 30.46 22.12 -2.96
N SER A 273 30.33 20.84 -2.65
CA SER A 273 31.20 20.20 -1.68
C SER A 273 31.27 18.71 -1.98
N SER A 274 32.46 18.15 -1.79
CA SER A 274 32.67 16.71 -1.87
C SER A 274 32.93 16.10 -0.49
N HIS A 275 32.71 16.86 0.59
CA HIS A 275 33.02 16.41 1.94
C HIS A 275 32.27 17.33 2.90
N PHE A 276 30.94 17.24 2.91
CA PHE A 276 30.14 18.32 3.49
C PHE A 276 30.06 18.22 5.01
N ILE A 277 29.49 17.14 5.54
CA ILE A 277 29.45 16.89 6.98
C ILE A 277 30.19 15.60 7.27
N ASP A 278 31.12 15.64 8.22
CA ASP A 278 31.89 14.45 8.58
C ASP A 278 32.15 14.52 10.08
N GLN A 279 31.45 13.70 10.85
CA GLN A 279 31.57 13.75 12.30
C GLN A 279 31.14 12.40 12.86
N THR A 280 31.86 11.93 13.87
CA THR A 280 31.55 10.62 14.43
C THR A 280 30.39 10.68 15.41
N ASP A 281 30.05 11.87 15.90
CA ASP A 281 29.01 11.97 16.90
C ASP A 281 28.42 13.37 16.87
N SER A 282 27.24 13.50 17.45
CA SER A 282 26.51 14.76 17.47
C SER A 282 25.43 14.67 18.52
N ALA A 283 25.16 15.81 19.18
CA ALA A 283 24.01 15.88 20.07
C ALA A 283 22.68 15.74 19.35
N GLY A 284 22.68 15.80 18.03
CA GLY A 284 21.46 15.57 17.30
C GLY A 284 20.65 16.84 17.11
N HIS A 285 19.37 16.64 16.81
CA HIS A 285 18.46 17.74 16.51
C HIS A 285 19.01 18.60 15.38
N VAL A 286 19.51 17.91 14.36
CA VAL A 286 19.99 18.51 13.13
C VAL A 286 18.91 18.34 12.09
N HIS A 287 18.54 19.42 11.41
CA HIS A 287 17.57 19.35 10.33
C HIS A 287 18.17 19.99 9.09
N LEU A 288 18.52 19.16 8.10
CA LEU A 288 19.03 19.65 6.82
C LEU A 288 17.86 19.70 5.85
N LYS A 289 17.60 20.88 5.30
CA LYS A 289 16.37 21.09 4.54
C LYS A 289 16.60 21.99 3.33
N ASP A 290 16.10 21.52 2.18
CA ASP A 290 15.81 22.41 1.04
C ASP A 290 17.05 23.09 0.47
N PHE A 291 18.15 22.35 0.36
CA PHE A 291 19.29 22.82 -0.41
C PHE A 291 19.90 21.67 -1.19
N ALA A 292 20.86 22.01 -2.06
CA ALA A 292 21.58 21.01 -2.83
C ALA A 292 23.01 20.90 -2.32
N VAL A 293 23.54 19.69 -2.31
CA VAL A 293 24.96 19.45 -2.12
C VAL A 293 25.44 18.66 -3.33
N ILE A 294 26.25 19.30 -4.16
CA ILE A 294 26.72 18.74 -5.42
C ILE A 294 28.24 18.75 -5.37
N GLY A 295 28.85 17.57 -5.45
CA GLY A 295 30.29 17.43 -5.36
C GLY A 295 30.94 17.43 -6.72
N GLU A 296 32.22 17.05 -6.71
CA GLU A 296 33.01 16.90 -7.92
C GLU A 296 33.66 15.53 -7.96
N VAL A 297 33.01 14.54 -7.35
CA VAL A 297 33.58 13.20 -7.24
C VAL A 297 33.43 12.49 -8.58
N THR A 298 34.54 11.99 -9.11
CA THR A 298 34.55 11.31 -10.39
C THR A 298 35.05 9.88 -10.30
N GLU A 299 35.35 9.41 -9.10
CA GLU A 299 35.91 8.08 -8.92
C GLU A 299 35.39 7.54 -7.60
N ARG A 300 35.69 6.28 -7.34
CA ARG A 300 35.34 5.63 -6.08
C ARG A 300 36.62 5.31 -5.34
N VAL A 301 36.90 6.07 -4.28
CA VAL A 301 38.04 5.85 -3.40
C VAL A 301 37.45 5.39 -2.07
N ASP A 302 37.50 4.09 -1.81
CA ASP A 302 36.76 3.55 -0.68
C ASP A 302 37.24 4.12 0.65
N SER A 303 38.53 4.45 0.74
CA SER A 303 39.10 4.96 1.99
C SER A 303 38.88 6.46 2.20
N SER A 304 38.27 7.16 1.24
CA SER A 304 38.10 8.60 1.34
C SER A 304 36.65 8.94 1.60
N PRO A 305 36.35 9.77 2.61
CA PRO A 305 34.95 10.11 2.97
C PRO A 305 34.37 11.20 2.06
N ASP A 306 34.32 10.91 0.76
CA ASP A 306 33.94 11.91 -0.24
C ASP A 306 32.42 12.01 -0.38
N ASN A 307 31.78 12.31 0.74
CA ASN A 307 30.36 12.07 0.92
C ASN A 307 29.63 13.35 1.29
N PHE A 308 28.30 13.34 1.13
CA PHE A 308 27.48 14.44 1.63
C PHE A 308 27.40 14.40 3.17
N VAL A 309 26.99 13.26 3.74
CA VAL A 309 27.02 13.06 5.18
C VAL A 309 27.86 11.83 5.47
N ASN A 310 28.81 11.97 6.38
CA ASN A 310 29.68 10.87 6.81
C ASN A 310 29.65 10.82 8.32
N GLY A 311 29.04 9.77 8.87
CA GLY A 311 29.02 9.58 10.30
C GLY A 311 27.66 9.74 10.94
N SER A 312 27.58 10.62 11.93
CA SER A 312 26.42 10.69 12.82
C SER A 312 25.78 12.06 12.77
N LEU A 313 24.46 12.08 12.59
CA LEU A 313 23.66 13.29 12.75
C LEU A 313 23.01 13.37 14.12
N GLY A 314 23.28 12.41 14.99
CA GLY A 314 22.72 12.40 16.32
C GLY A 314 21.25 12.02 16.35
N PRO A 315 20.68 12.01 17.54
CA PRO A 315 19.25 11.65 17.68
C PRO A 315 18.33 12.79 17.28
N GLY A 316 17.14 12.42 16.78
CA GLY A 316 16.11 13.41 16.53
C GLY A 316 16.40 14.31 15.35
N SER A 317 17.05 13.79 14.31
CA SER A 317 17.49 14.59 13.19
C SER A 317 16.70 14.24 11.93
N SER A 318 16.87 15.08 10.90
CA SER A 318 16.16 14.85 9.66
C SER A 318 16.93 15.45 8.48
N VAL A 319 16.68 14.88 7.30
CA VAL A 319 17.25 15.33 6.04
C VAL A 319 16.11 15.31 5.03
N SER A 320 15.75 16.47 4.49
CA SER A 320 14.58 16.53 3.62
C SER A 320 14.70 17.62 2.57
N GLY A 321 14.05 17.39 1.43
CA GLY A 321 14.03 18.37 0.36
C GLY A 321 15.37 18.62 -0.28
N MET A 322 16.31 17.69 -0.17
CA MET A 322 17.67 17.90 -0.65
C MET A 322 17.86 17.35 -2.06
N TRP A 323 18.85 17.91 -2.74
CA TRP A 323 19.36 17.38 -4.01
C TRP A 323 20.83 17.05 -3.77
N ILE A 324 21.17 15.76 -3.83
CA ILE A 324 22.51 15.27 -3.50
C ILE A 324 23.06 14.61 -4.76
N GLN A 325 24.24 15.05 -5.20
CA GLN A 325 24.72 14.59 -6.50
C GLN A 325 26.25 14.68 -6.56
N HIS A 326 26.85 13.76 -7.33
CA HIS A 326 28.29 13.82 -7.64
C HIS A 326 29.14 13.72 -6.38
N VAL A 327 28.76 12.80 -5.49
CA VAL A 327 29.56 12.42 -4.34
C VAL A 327 29.85 10.93 -4.44
N LYS A 328 30.59 10.38 -3.47
CA LYS A 328 30.82 8.94 -3.46
C LYS A 328 29.61 8.23 -2.87
N VAL A 329 29.36 8.46 -1.57
CA VAL A 329 28.15 8.01 -0.90
C VAL A 329 27.33 9.24 -0.54
N GLY A 330 26.02 9.18 -0.76
CA GLY A 330 25.18 10.27 -0.31
C GLY A 330 25.22 10.42 1.21
N LEU A 331 24.77 9.39 1.92
CA LEU A 331 24.80 9.39 3.38
C LEU A 331 25.38 8.07 3.85
N TRP A 332 26.59 8.14 4.41
CA TRP A 332 27.25 7.00 5.01
C TRP A 332 27.08 7.20 6.51
N LEU A 333 26.14 6.47 7.11
CA LEU A 333 25.68 6.76 8.46
C LEU A 333 26.18 5.69 9.42
N THR A 334 26.76 6.14 10.53
CA THR A 334 27.27 5.27 11.57
C THR A 334 26.96 5.90 12.91
N GLY A 335 27.05 5.09 13.97
CA GLY A 335 26.90 5.63 15.30
C GLY A 335 25.45 6.01 15.59
N THR A 336 25.28 7.05 16.40
CA THR A 336 23.95 7.41 16.87
C THR A 336 23.22 8.24 15.81
N ASN A 337 22.13 7.69 15.29
CA ASN A 337 21.24 8.40 14.39
C ASN A 337 19.80 8.11 14.76
N ASP A 338 19.52 8.00 16.06
CA ASP A 338 18.22 7.50 16.51
C ASP A 338 17.09 8.32 15.91
N ASP A 339 16.12 7.63 15.34
CA ASP A 339 14.89 8.24 14.86
C ASP A 339 15.12 9.17 13.66
N LEU A 340 16.27 9.07 13.01
CA LEU A 340 16.54 9.92 11.85
C LEU A 340 15.49 9.68 10.78
N VAL A 341 15.03 10.76 10.16
CA VAL A 341 14.12 10.69 9.02
C VAL A 341 14.82 11.29 7.81
N VAL A 342 15.00 10.48 6.76
CA VAL A 342 15.58 10.92 5.49
C VAL A 342 14.46 10.81 4.46
N GLU A 343 13.90 11.96 4.06
CA GLU A 343 12.69 11.92 3.26
C GLU A 343 12.67 13.02 2.20
N ASN A 344 12.04 12.69 1.08
CA ASN A 344 11.78 13.67 0.02
CA ASN A 344 11.78 13.68 0.02
C ASN A 344 13.07 14.28 -0.52
N ASN A 345 14.07 13.43 -0.74
CA ASN A 345 15.34 13.86 -1.31
C ASN A 345 15.55 13.19 -2.66
N ARG A 346 16.48 13.76 -3.42
CA ARG A 346 16.99 13.16 -4.65
C ARG A 346 18.46 12.87 -4.43
N ILE A 347 18.87 11.64 -4.75
CA ILE A 347 20.27 11.24 -4.67
C ILE A 347 20.63 10.68 -6.03
N LEU A 348 21.47 11.40 -6.77
CA LEU A 348 21.74 11.11 -8.17
C LEU A 348 23.24 11.05 -8.39
N ASP A 349 23.67 10.12 -9.24
CA ASP A 349 25.05 10.13 -9.75
C ASP A 349 26.07 10.08 -8.62
N THR A 350 26.07 8.96 -7.91
CA THR A 350 27.06 8.73 -6.85
C THR A 350 27.93 7.56 -7.25
N THR A 351 29.23 7.63 -6.94
CA THR A 351 30.10 6.55 -7.38
C THR A 351 30.02 5.31 -6.49
N ALA A 352 29.35 5.40 -5.35
CA ALA A 352 29.08 4.23 -4.51
C ALA A 352 27.62 4.30 -4.05
N ASP A 353 27.32 3.81 -2.85
CA ASP A 353 25.94 3.70 -2.40
C ASP A 353 25.26 5.06 -2.31
N GLY A 354 23.93 5.05 -2.45
CA GLY A 354 23.18 6.27 -2.17
C GLY A 354 23.14 6.58 -0.68
N LEU A 355 22.71 5.60 0.11
CA LEU A 355 22.67 5.71 1.56
C LEU A 355 22.98 4.34 2.15
N ASN A 356 23.80 4.32 3.19
CA ASN A 356 24.12 3.10 3.90
C ASN A 356 23.97 3.34 5.40
N LEU A 357 23.13 2.55 6.06
CA LEU A 357 23.07 2.52 7.51
C LEU A 357 24.10 1.51 7.97
N ASN A 358 25.32 1.98 8.21
CA ASN A 358 26.43 1.10 8.54
CA ASN A 358 26.45 1.11 8.54
C ASN A 358 26.56 0.93 10.05
N GLY A 359 25.57 0.25 10.61
CA GLY A 359 25.56 -0.16 12.00
C GLY A 359 24.96 0.87 12.92
N THR A 360 24.39 0.37 14.03
CA THR A 360 23.96 1.17 15.17
C THR A 360 22.70 1.98 14.91
N ALA A 361 22.11 1.91 13.72
CA ALA A 361 20.96 2.73 13.41
C ALA A 361 19.72 2.21 14.14
N LYS A 362 18.98 3.12 14.77
CA LYS A 362 17.81 2.75 15.57
CA LYS A 362 17.81 2.76 15.57
C LYS A 362 16.62 3.56 15.09
N ASN A 363 15.60 2.86 14.60
CA ASN A 363 14.36 3.50 14.15
C ASN A 363 14.60 4.60 13.11
N VAL A 364 15.52 4.34 12.17
CA VAL A 364 15.74 5.26 11.07
C VAL A 364 14.71 4.98 9.99
N THR A 365 14.10 6.04 9.45
CA THR A 365 13.15 5.95 8.35
C THR A 365 13.74 6.65 7.13
N VAL A 366 13.85 5.91 6.03
CA VAL A 366 14.27 6.46 4.74
C VAL A 366 13.09 6.30 3.81
N ARG A 367 12.42 7.40 3.47
CA ARG A 367 11.15 7.31 2.73
C ARG A 367 11.01 8.41 1.69
N ASP A 368 10.30 8.08 0.61
CA ASP A 368 9.92 9.06 -0.40
C ASP A 368 11.13 9.75 -1.04
N ASN A 369 12.21 8.99 -1.23
CA ASN A 369 13.38 9.48 -1.93
C ASN A 369 13.45 8.89 -3.33
N PHE A 370 14.13 9.61 -4.21
CA PHE A 370 14.41 9.16 -5.57
C PHE A 370 15.91 8.98 -5.72
N LEU A 371 16.32 7.79 -6.18
CA LEU A 371 17.73 7.45 -6.33
C LEU A 371 17.96 6.92 -7.74
N ARG A 372 18.86 7.58 -8.49
CA ARG A 372 19.22 7.16 -9.84
C ARG A 372 20.74 7.15 -9.96
N ASN A 373 21.27 6.10 -10.58
CA ASN A 373 22.68 6.06 -10.98
C ASN A 373 23.64 6.07 -9.77
N GLN A 374 23.37 5.16 -8.81
CA GLN A 374 24.32 4.86 -7.77
C GLN A 374 25.35 3.87 -8.29
N GLY A 375 26.54 3.87 -7.70
CA GLY A 375 27.61 3.00 -8.14
C GLY A 375 27.72 1.68 -7.40
N ASP A 376 26.75 1.38 -6.55
CA ASP A 376 26.70 0.16 -5.73
C ASP A 376 25.29 0.16 -5.15
N ASP A 377 25.03 -0.61 -4.10
CA ASP A 377 23.71 -0.69 -3.49
C ASP A 377 23.10 0.69 -3.37
N ALA A 378 21.90 0.89 -3.91
CA ALA A 378 21.32 2.22 -3.85
C ALA A 378 20.99 2.60 -2.41
N LEU A 379 20.30 1.72 -1.70
CA LEU A 379 20.04 1.84 -0.27
C LEU A 379 20.52 0.55 0.38
N ALA A 380 21.31 0.68 1.46
CA ALA A 380 21.82 -0.49 2.13
C ALA A 380 21.76 -0.32 3.64
N MET A 381 21.62 -1.45 4.33
CA MET A 381 21.84 -1.54 5.76
C MET A 381 22.89 -2.61 5.98
N TRP A 382 23.98 -2.24 6.65
CA TRP A 382 25.07 -3.17 6.89
C TRP A 382 25.33 -3.16 8.39
N SER A 383 24.89 -4.23 9.07
CA SER A 383 24.89 -4.25 10.54
C SER A 383 26.24 -4.71 11.09
N LEU A 384 27.24 -3.87 10.84
CA LEU A 384 28.53 -3.98 11.50
C LEU A 384 28.47 -3.24 12.84
N TYR A 385 29.26 -3.73 13.80
CA TYR A 385 29.44 -3.10 15.11
C TYR A 385 28.25 -3.28 16.03
N ALA A 386 27.07 -2.88 15.57
CA ALA A 386 25.84 -3.00 16.34
C ALA A 386 24.71 -3.15 15.34
N PRO A 387 23.67 -3.92 15.64
CA PRO A 387 22.61 -4.14 14.66
C PRO A 387 21.83 -2.87 14.36
N ASP A 388 21.58 -2.63 13.08
CA ASP A 388 20.52 -1.72 12.73
C ASP A 388 19.22 -2.36 13.21
N THR A 389 18.39 -1.59 13.91
CA THR A 389 17.21 -2.14 14.57
CA THR A 389 17.21 -2.14 14.57
C THR A 389 16.01 -1.26 14.31
N ASP A 390 14.88 -1.87 13.92
CA ASP A 390 13.63 -1.15 13.72
C ASP A 390 13.75 -0.06 12.66
N CYS A 391 14.60 -0.27 11.65
CA CYS A 391 14.77 0.69 10.58
C CYS A 391 13.91 0.28 9.39
N ARG A 392 13.52 1.28 8.60
CA ARG A 392 12.65 1.02 7.46
CA ARG A 392 12.64 1.04 7.47
C ARG A 392 13.08 1.83 6.26
N PHE A 393 13.06 1.16 5.10
CA PHE A 393 13.20 1.80 3.80
C PHE A 393 11.82 1.68 3.18
N GLU A 394 11.11 2.80 3.02
CA GLU A 394 9.71 2.76 2.61
CA GLU A 394 9.71 2.77 2.62
CA GLU A 394 9.72 2.72 2.57
C GLU A 394 9.43 3.76 1.50
N ASN A 395 8.71 3.31 0.47
CA ASN A 395 8.21 4.22 -0.55
C ASN A 395 9.32 5.05 -1.18
N ASN A 396 10.41 4.39 -1.53
CA ASN A 396 11.44 5.02 -2.34
C ASN A 396 11.34 4.52 -3.77
N THR A 397 11.88 5.31 -4.69
CA THR A 397 11.99 4.92 -6.10
C THR A 397 13.47 4.88 -6.45
N ILE A 398 13.91 3.73 -6.95
CA ILE A 398 15.31 3.46 -7.23
C ILE A 398 15.43 2.98 -8.67
N THR A 399 16.40 3.53 -9.41
CA THR A 399 16.63 3.10 -10.77
C THR A 399 18.11 3.04 -11.06
N GLN A 400 18.51 1.97 -11.72
CA GLN A 400 19.84 1.86 -12.31
C GLN A 400 21.02 2.00 -11.34
N PRO A 401 21.07 1.23 -10.25
CA PRO A 401 22.36 1.07 -9.57
C PRO A 401 23.29 0.33 -10.51
N ASN A 402 24.54 0.81 -10.63
CA ASN A 402 25.41 0.32 -11.70
C ASN A 402 25.82 -1.13 -11.47
N LEU A 403 25.95 -1.52 -10.22
CA LEU A 403 26.29 -2.88 -9.82
C LEU A 403 25.62 -3.10 -8.46
N ALA A 404 25.52 -4.36 -8.07
CA ALA A 404 24.90 -4.73 -6.80
C ALA A 404 23.41 -4.40 -6.77
N ASN A 405 22.86 -4.14 -5.60
CA ASN A 405 21.43 -4.27 -5.40
C ASN A 405 20.70 -2.93 -5.43
N GLY A 406 19.38 -3.00 -5.66
CA GLY A 406 18.55 -1.83 -5.42
C GLY A 406 18.48 -1.51 -3.94
N ILE A 407 18.04 -2.48 -3.16
CA ILE A 407 18.05 -2.42 -1.70
C ILE A 407 18.74 -3.67 -1.18
N ALA A 408 19.71 -3.48 -0.27
CA ALA A 408 20.41 -4.60 0.35
C ALA A 408 20.34 -4.47 1.85
N ILE A 409 19.84 -5.51 2.52
CA ILE A 409 19.82 -5.59 3.97
C ILE A 409 20.79 -6.69 4.37
N TYR A 410 21.94 -6.30 4.92
CA TYR A 410 22.94 -7.26 5.39
C TYR A 410 22.84 -7.29 6.91
N GLY A 411 22.18 -8.31 7.44
CA GLY A 411 21.99 -8.45 8.87
C GLY A 411 20.97 -7.46 9.42
N GLY A 412 20.98 -7.31 10.73
CA GLY A 412 20.10 -6.38 11.41
C GLY A 412 18.85 -7.05 11.96
N THR A 413 18.10 -6.27 12.74
CA THR A 413 17.01 -6.78 13.57
C THR A 413 15.74 -5.99 13.30
N ASP A 414 14.65 -6.69 12.98
CA ASP A 414 13.33 -6.06 12.87
C ASP A 414 13.37 -4.93 11.84
N ILE A 415 13.71 -5.31 10.61
CA ILE A 415 13.88 -4.38 9.50
C ILE A 415 12.67 -4.46 8.58
N THR A 416 12.26 -3.32 8.04
CA THR A 416 11.14 -3.25 7.10
C THR A 416 11.61 -2.65 5.78
N VAL A 417 11.26 -3.31 4.68
CA VAL A 417 11.48 -2.83 3.33
C VAL A 417 10.11 -2.85 2.67
N LYS A 418 9.50 -1.68 2.49
CA LYS A 418 8.08 -1.60 2.16
C LYS A 418 7.78 -0.59 1.06
N GLY A 419 7.00 -1.00 0.07
CA GLY A 419 6.45 -0.03 -0.86
C GLY A 419 7.44 0.62 -1.80
N ASN A 420 8.62 0.02 -2.00
CA ASN A 420 9.62 0.61 -2.88
C ASN A 420 9.39 0.16 -4.32
N LEU A 421 9.74 1.04 -5.25
CA LEU A 421 9.75 0.76 -6.67
C LEU A 421 11.21 0.73 -7.10
N ILE A 422 11.65 -0.42 -7.60
CA ILE A 422 13.05 -0.65 -7.94
C ILE A 422 13.10 -1.19 -9.36
N SER A 423 13.83 -0.49 -10.24
CA SER A 423 13.88 -0.85 -11.65
C SER A 423 15.30 -0.89 -12.15
N ASP A 424 15.57 -1.87 -13.02
CA ASP A 424 16.77 -1.90 -13.87
C ASP A 424 18.05 -2.03 -13.04
N THR A 425 18.26 -3.21 -12.48
CA THR A 425 19.51 -3.51 -11.79
C THR A 425 20.44 -4.34 -12.67
N ASN A 426 21.67 -4.49 -12.19
CA ASN A 426 22.74 -5.01 -13.03
C ASN A 426 23.54 -6.09 -12.34
N ALA A 427 24.66 -6.48 -12.95
CA ALA A 427 25.45 -7.58 -12.43
C ALA A 427 25.87 -7.32 -11.00
N LEU A 428 25.92 -8.39 -10.21
CA LEU A 428 26.40 -8.48 -8.84
C LEU A 428 25.28 -8.29 -7.82
N GLY A 429 24.04 -8.03 -8.27
CA GLY A 429 22.96 -7.86 -7.32
C GLY A 429 21.59 -8.27 -7.79
N SER A 430 20.60 -7.93 -6.97
CA SER A 430 19.19 -8.21 -7.12
C SER A 430 18.43 -6.90 -6.95
N GLY A 431 17.13 -6.91 -7.26
CA GLY A 431 16.31 -5.77 -6.88
C GLY A 431 16.33 -5.53 -5.38
N ILE A 432 16.02 -6.57 -4.61
CA ILE A 432 16.13 -6.58 -3.16
C ILE A 432 16.93 -7.80 -2.73
N ALA A 433 17.90 -7.59 -1.84
CA ALA A 433 18.64 -8.68 -1.22
C ALA A 433 18.46 -8.62 0.29
N ILE A 434 18.04 -9.74 0.88
CA ILE A 434 17.95 -9.92 2.33
C ILE A 434 19.03 -10.94 2.67
N SER A 435 20.09 -10.52 3.36
CA SER A 435 21.34 -11.26 3.29
C SER A 435 22.05 -11.37 4.63
N ASN A 436 22.71 -12.51 4.83
CA ASN A 436 23.66 -12.74 5.92
C ASN A 436 25.11 -12.73 5.44
N GLN A 437 25.40 -12.03 4.34
CA GLN A 437 26.78 -11.83 3.89
C GLN A 437 27.43 -10.78 4.79
N LYS A 438 28.51 -11.16 5.47
CA LYS A 438 29.02 -10.29 6.53
C LYS A 438 30.00 -9.23 6.05
N PHE A 439 30.86 -9.57 5.08
CA PHE A 439 31.94 -8.72 4.58
C PHE A 439 33.06 -8.45 5.58
N ALA A 440 32.72 -8.24 6.86
CA ALA A 440 33.70 -7.94 7.91
C ALA A 440 33.09 -8.27 9.26
N GLU A 441 33.87 -8.08 10.31
CA GLU A 441 33.40 -8.31 11.68
C GLU A 441 33.63 -7.07 12.52
N PRO A 442 32.85 -6.87 13.60
CA PRO A 442 31.78 -7.74 14.10
C PRO A 442 30.47 -7.49 13.37
N PHE A 443 29.91 -8.56 12.80
CA PHE A 443 28.68 -8.51 12.03
C PHE A 443 27.54 -9.09 12.85
N HIS A 444 26.35 -8.52 12.66
CA HIS A 444 25.16 -8.97 13.38
C HIS A 444 24.15 -9.54 12.38
N PRO A 445 24.02 -10.86 12.31
CA PRO A 445 23.13 -11.46 11.29
C PRO A 445 21.67 -11.11 11.52
N LEU A 446 20.86 -11.39 10.48
CA LEU A 446 19.44 -11.09 10.52
C LEU A 446 18.79 -11.69 11.77
N ALA A 447 17.95 -10.90 12.42
CA ALA A 447 17.28 -11.34 13.64
C ALA A 447 15.88 -10.73 13.70
N GLY A 448 15.01 -11.38 14.47
CA GLY A 448 13.66 -10.88 14.64
C GLY A 448 12.84 -11.18 13.40
N THR A 449 12.17 -10.14 12.89
CA THR A 449 11.32 -10.25 11.72
C THR A 449 11.81 -9.28 10.67
N ILE A 450 11.99 -9.78 9.44
CA ILE A 450 12.31 -8.94 8.30
C ILE A 450 11.04 -8.87 7.46
N THR A 451 10.47 -7.69 7.35
CA THR A 451 9.20 -7.48 6.66
C THR A 451 9.48 -6.85 5.31
N VAL A 452 9.18 -7.56 4.24
CA VAL A 452 9.42 -7.11 2.88
C VAL A 452 8.06 -7.07 2.20
N ASP A 453 7.41 -5.90 2.18
CA ASP A 453 5.99 -5.81 1.84
C ASP A 453 5.73 -4.75 0.78
N GLY A 454 4.95 -5.10 -0.24
CA GLY A 454 4.45 -4.09 -1.15
C GLY A 454 5.45 -3.52 -2.14
N ASN A 455 6.56 -4.20 -2.37
CA ASN A 455 7.57 -3.68 -3.29
C ASN A 455 7.26 -4.12 -4.72
N THR A 456 7.70 -3.29 -5.68
CA THR A 456 7.57 -3.57 -7.10
C THR A 456 8.96 -3.56 -7.72
N LEU A 457 9.30 -4.64 -8.41
CA LEU A 457 10.65 -4.89 -8.94
C LEU A 457 10.53 -5.11 -10.43
N VAL A 458 11.10 -4.19 -11.22
CA VAL A 458 10.91 -4.14 -12.67
C VAL A 458 12.27 -4.30 -13.36
N ARG A 459 12.40 -5.35 -14.17
CA ARG A 459 13.65 -5.59 -14.90
C ARG A 459 14.84 -5.67 -13.95
N THR A 460 14.68 -6.43 -12.87
CA THR A 460 15.73 -6.63 -11.89
C THR A 460 16.20 -8.08 -11.90
N GLY A 461 17.43 -8.29 -11.42
CA GLY A 461 18.17 -9.52 -11.57
C GLY A 461 19.16 -9.44 -12.73
N ALA A 462 20.17 -10.30 -12.68
CA ALA A 462 21.26 -10.18 -13.64
C ALA A 462 22.19 -11.39 -13.53
N ILE A 463 22.90 -11.68 -14.61
CA ILE A 463 23.96 -12.68 -14.57
C ILE A 463 25.10 -12.16 -13.71
N ASN A 464 25.52 -12.97 -12.74
CA ASN A 464 26.76 -12.67 -12.03
C ASN A 464 27.93 -13.24 -12.84
N PRO A 465 28.85 -12.41 -13.31
CA PRO A 465 29.95 -12.93 -14.14
C PRO A 465 30.91 -13.82 -13.38
N ASN A 466 30.87 -13.82 -12.05
CA ASN A 466 31.75 -14.67 -11.29
C ASN A 466 31.32 -16.15 -11.35
N TRP A 467 29.98 -16.44 -11.40
CA TRP A 467 29.42 -17.79 -11.66
C TRP A 467 29.07 -18.09 -13.07
N ASN A 468 28.74 -17.06 -13.81
CA ASN A 468 27.89 -17.23 -14.94
C ASN A 468 26.53 -17.77 -14.52
N HIS A 469 26.10 -17.52 -13.27
CA HIS A 469 24.77 -17.87 -12.80
C HIS A 469 24.01 -16.62 -12.37
N PRO A 470 22.69 -16.60 -12.52
CA PRO A 470 21.97 -15.35 -12.28
C PRO A 470 21.50 -15.13 -10.86
N MET A 471 21.46 -13.86 -10.51
CA MET A 471 20.79 -13.37 -9.32
CA MET A 471 20.79 -13.37 -9.32
CA MET A 471 20.77 -13.41 -9.31
C MET A 471 19.35 -13.01 -9.70
N GLY A 472 18.40 -13.35 -8.83
CA GLY A 472 17.01 -13.06 -9.10
C GLY A 472 16.60 -11.66 -8.68
N ALA A 473 15.34 -11.34 -8.97
CA ALA A 473 14.79 -10.03 -8.62
C ALA A 473 14.81 -9.80 -7.11
N LEU A 474 14.43 -10.81 -6.33
CA LEU A 474 14.42 -10.71 -4.89
C LEU A 474 15.13 -11.93 -4.36
N ARG A 475 16.18 -11.75 -3.57
CA ARG A 475 16.87 -12.90 -3.02
C ARG A 475 16.96 -12.85 -1.50
N VAL A 476 16.88 -14.04 -0.91
CA VAL A 476 17.22 -14.29 0.48
C VAL A 476 18.47 -15.14 0.47
N ASP A 477 19.53 -14.66 1.13
CA ASP A 477 20.88 -15.17 0.92
C ASP A 477 21.52 -15.48 2.27
N SER A 478 21.60 -16.78 2.60
CA SER A 478 22.19 -17.23 3.87
C SER A 478 23.72 -17.36 3.74
N TYR A 479 24.35 -16.24 3.36
CA TYR A 479 25.72 -16.31 2.84
C TYR A 479 26.71 -16.83 3.89
N ASP A 480 26.80 -16.14 5.03
CA ASP A 480 27.74 -16.56 6.07
C ASP A 480 27.08 -17.24 7.26
N SER A 481 25.75 -17.28 7.30
CA SER A 481 25.05 -17.96 8.38
C SER A 481 23.60 -18.18 7.94
N ALA A 482 22.96 -19.15 8.59
CA ALA A 482 21.58 -19.51 8.29
C ALA A 482 20.63 -18.38 8.67
N ILE A 483 19.47 -18.36 8.01
CA ILE A 483 18.44 -17.36 8.28
C ILE A 483 17.77 -17.70 9.61
N GLU A 484 18.09 -16.93 10.66
CA GLU A 484 17.50 -17.16 11.97
C GLU A 484 16.39 -16.15 12.29
N ALA A 485 16.19 -15.17 11.43
CA ALA A 485 15.03 -14.31 11.49
C ALA A 485 13.87 -14.97 10.75
N ARG A 486 12.67 -14.48 11.02
CA ARG A 486 11.53 -14.73 10.14
C ARG A 486 11.56 -13.71 9.02
N VAL A 487 11.40 -14.16 7.79
CA VAL A 487 11.41 -13.27 6.63
C VAL A 487 10.05 -13.41 5.95
N ASP A 488 9.28 -12.32 5.96
CA ASP A 488 7.91 -12.30 5.44
C ASP A 488 7.90 -11.42 4.20
N ILE A 489 7.69 -12.04 3.04
CA ILE A 489 7.74 -11.36 1.75
C ILE A 489 6.33 -11.34 1.20
N THR A 490 5.69 -10.17 1.26
CA THR A 490 4.27 -10.06 0.98
C THR A 490 3.99 -8.99 -0.06
N ASP A 491 2.94 -9.24 -0.85
CA ASP A 491 2.42 -8.29 -1.82
CA ASP A 491 2.41 -8.25 -1.79
C ASP A 491 3.51 -7.70 -2.70
N THR A 492 4.27 -8.60 -3.33
CA THR A 492 5.36 -8.20 -4.21
C THR A 492 4.90 -8.27 -5.66
N THR A 493 5.19 -7.22 -6.42
CA THR A 493 4.98 -7.22 -7.87
C THR A 493 6.34 -7.35 -8.52
N ILE A 494 6.52 -8.38 -9.35
CA ILE A 494 7.79 -8.65 -10.01
C ILE A 494 7.51 -8.75 -11.51
N THR A 495 8.07 -7.82 -12.30
CA THR A 495 7.68 -7.64 -13.68
C THR A 495 8.90 -7.62 -14.58
N ASP A 496 8.86 -8.42 -15.64
CA ASP A 496 9.87 -8.35 -16.71
C ASP A 496 11.27 -8.66 -16.20
N SER A 497 11.37 -9.63 -15.30
CA SER A 497 12.67 -10.02 -14.78
C SER A 497 13.47 -10.74 -15.87
N PRO A 498 14.73 -10.36 -16.11
CA PRO A 498 15.48 -11.07 -17.16
C PRO A 498 15.79 -12.50 -16.79
N TYR A 499 15.92 -12.82 -15.50
CA TYR A 499 16.23 -14.17 -15.04
C TYR A 499 15.10 -14.62 -14.12
N SER A 500 15.39 -14.91 -12.85
CA SER A 500 14.42 -15.45 -11.93
C SER A 500 13.73 -14.35 -11.12
N ALA A 501 12.59 -14.70 -10.53
CA ALA A 501 11.83 -13.77 -9.69
C ALA A 501 12.34 -13.85 -8.24
N PHE A 502 12.06 -14.96 -7.56
CA PHE A 502 12.51 -15.17 -6.19
C PHE A 502 13.71 -16.12 -6.19
N GLU A 503 14.76 -15.76 -5.46
CA GLU A 503 15.95 -16.60 -5.35
C GLU A 503 16.26 -16.86 -3.88
N PHE A 504 16.50 -18.12 -3.56
CA PHE A 504 16.91 -18.53 -2.22
C PHE A 504 18.24 -19.24 -2.36
N VAL A 505 19.27 -18.68 -1.72
CA VAL A 505 20.63 -19.10 -2.03
C VAL A 505 21.47 -18.97 -0.76
N SER A 506 22.51 -19.79 -0.67
CA SER A 506 23.58 -19.59 0.30
C SER A 506 24.79 -19.23 -0.56
N GLY A 507 24.99 -17.93 -0.76
CA GLY A 507 25.78 -17.43 -1.88
C GLY A 507 27.28 -17.70 -1.80
N GLY A 508 27.79 -18.07 -0.64
CA GLY A 508 29.20 -18.40 -0.54
C GLY A 508 29.51 -19.87 -0.72
N GLY A 509 28.49 -20.67 -1.04
CA GLY A 509 28.72 -22.11 -1.15
C GLY A 509 28.85 -22.83 0.17
N GLN A 510 28.49 -22.18 1.28
CA GLN A 510 28.66 -22.77 2.60
C GLN A 510 27.49 -23.64 3.04
N GLY A 511 26.37 -23.62 2.31
CA GLY A 511 25.28 -24.52 2.61
C GLY A 511 24.47 -24.19 3.84
N HIS A 512 24.40 -22.92 4.23
CA HIS A 512 23.55 -22.54 5.35
C HIS A 512 22.09 -22.49 4.92
N ALA A 513 21.20 -22.86 5.83
CA ALA A 513 19.79 -22.96 5.49
C ALA A 513 19.14 -21.60 5.25
N VAL A 514 18.35 -21.52 4.20
CA VAL A 514 17.33 -20.49 4.04
C VAL A 514 16.05 -21.09 4.58
N LYS A 515 15.54 -20.54 5.67
CA LYS A 515 14.39 -21.09 6.36
C LYS A 515 13.64 -19.93 6.99
N ASN A 516 12.45 -20.23 7.54
CA ASN A 516 11.60 -19.21 8.17
C ASN A 516 11.15 -18.16 7.16
N VAL A 517 11.08 -18.54 5.89
CA VAL A 517 10.70 -17.63 4.81
C VAL A 517 9.27 -17.95 4.39
N THR A 518 8.44 -16.91 4.32
CA THR A 518 7.10 -17.00 3.76
C THR A 518 6.96 -15.99 2.64
N VAL A 519 6.55 -16.45 1.48
CA VAL A 519 6.16 -15.57 0.38
C VAL A 519 4.64 -15.66 0.26
N ASP A 520 3.96 -14.55 0.51
CA ASP A 520 2.50 -14.54 0.53
C ASP A 520 2.00 -13.34 -0.27
N GLY A 521 1.49 -13.62 -1.47
CA GLY A 521 0.90 -12.60 -2.29
C GLY A 521 1.91 -12.02 -3.25
N ALA A 522 1.83 -12.38 -4.52
CA ALA A 522 2.73 -11.81 -5.49
C ALA A 522 2.07 -11.85 -6.86
N ALA A 523 2.36 -10.83 -7.65
CA ALA A 523 1.97 -10.76 -9.06
C ALA A 523 3.26 -10.78 -9.86
N VAL A 524 3.53 -11.90 -10.52
CA VAL A 524 4.80 -12.15 -11.21
C VAL A 524 4.48 -12.27 -12.69
N LYS A 525 5.10 -11.43 -13.51
CA LYS A 525 4.77 -11.38 -14.92
CA LYS A 525 4.77 -11.36 -14.93
C LYS A 525 6.05 -11.32 -15.75
N ASN A 526 6.09 -12.16 -16.80
CA ASN A 526 7.17 -12.13 -17.79
CA ASN A 526 7.17 -12.14 -17.79
C ASN A 526 8.54 -12.35 -17.15
N THR A 527 8.69 -13.50 -16.51
CA THR A 527 9.93 -13.90 -15.88
C THR A 527 10.78 -14.68 -16.88
N GLY A 528 12.02 -14.27 -17.05
CA GLY A 528 12.86 -14.90 -18.06
C GLY A 528 13.10 -16.38 -17.83
N THR A 529 13.36 -16.76 -16.58
CA THR A 529 13.62 -18.16 -16.28
C THR A 529 12.57 -18.75 -15.34
N VAL A 530 12.79 -18.68 -14.03
CA VAL A 530 11.94 -19.39 -13.07
C VAL A 530 11.35 -18.43 -12.05
N VAL A 531 10.17 -18.76 -11.56
CA VAL A 531 9.56 -17.98 -10.48
C VAL A 531 10.34 -18.16 -9.18
N VAL A 532 10.79 -19.39 -8.90
CA VAL A 532 11.54 -19.69 -7.69
C VAL A 532 12.84 -20.39 -8.09
N GLN A 533 13.97 -19.77 -7.75
CA GLN A 533 15.30 -20.33 -7.98
C GLN A 533 15.84 -20.70 -6.59
N ALA A 534 15.72 -21.98 -6.24
CA ALA A 534 16.04 -22.48 -4.91
C ALA A 534 17.36 -23.24 -4.96
N GLU A 535 18.39 -22.67 -4.34
CA GLU A 535 19.73 -23.23 -4.38
C GLU A 535 20.34 -23.43 -2.99
N ALA A 536 19.66 -23.04 -1.95
CA ALA A 536 20.09 -23.31 -0.60
C ALA A 536 19.27 -24.44 -0.02
N PRO A 537 19.82 -25.20 0.93
CA PRO A 537 18.97 -26.08 1.74
C PRO A 537 18.05 -25.24 2.62
N GLY A 538 16.99 -25.88 3.11
CA GLY A 538 16.09 -25.20 4.02
C GLY A 538 14.63 -25.42 3.68
N GLU A 539 13.80 -24.41 3.85
CA GLU A 539 12.37 -24.54 3.59
C GLU A 539 11.76 -23.15 3.44
N ALA A 540 10.69 -23.08 2.66
CA ALA A 540 9.91 -21.85 2.54
C ALA A 540 8.48 -22.22 2.19
N THR A 541 7.56 -21.33 2.55
CA THR A 541 6.16 -21.49 2.23
C THR A 541 5.74 -20.43 1.24
N PHE A 542 5.00 -20.83 0.21
CA PHE A 542 4.52 -19.92 -0.83
C PHE A 542 3.00 -19.98 -0.90
N ARG A 543 2.36 -18.81 -0.80
CA ARG A 543 0.93 -18.70 -0.94
CA ARG A 543 0.93 -18.71 -0.96
C ARG A 543 0.60 -17.52 -1.84
N ASN A 544 -0.47 -17.66 -2.63
CA ASN A 544 -1.05 -16.52 -3.34
C ASN A 544 -0.08 -15.87 -4.32
N VAL A 545 0.77 -16.67 -4.94
CA VAL A 545 1.69 -16.19 -5.97
C VAL A 545 1.07 -16.50 -7.33
N THR A 546 0.69 -15.46 -8.05
CA THR A 546 0.11 -15.58 -9.39
C THR A 546 1.16 -15.21 -10.42
N ALA A 547 1.50 -16.14 -11.31
CA ALA A 547 2.52 -15.92 -12.31
C ALA A 547 1.92 -16.05 -13.71
N THR A 548 2.38 -15.20 -14.63
CA THR A 548 2.08 -15.35 -16.05
C THR A 548 3.36 -15.12 -16.83
N GLY A 549 3.46 -15.70 -18.00
CA GLY A 549 4.63 -15.48 -18.84
C GLY A 549 5.94 -15.97 -18.27
N THR A 550 5.94 -17.14 -17.66
CA THR A 550 7.16 -17.70 -17.10
C THR A 550 7.95 -18.43 -18.18
N GLY A 551 9.21 -18.05 -18.36
CA GLY A 551 9.94 -18.49 -19.55
C GLY A 551 10.38 -19.95 -19.48
N ALA A 552 10.88 -20.39 -18.33
CA ALA A 552 11.50 -21.72 -18.25
C ALA A 552 10.71 -22.71 -17.39
N ALA A 553 10.38 -22.35 -16.15
CA ALA A 553 9.67 -23.26 -15.26
C ALA A 553 9.21 -22.48 -14.03
N GLY A 554 8.27 -23.07 -13.29
CA GLY A 554 7.89 -22.47 -12.02
C GLY A 554 9.04 -22.48 -11.02
N ILE A 555 9.67 -23.65 -10.83
CA ILE A 555 10.63 -23.88 -9.76
C ILE A 555 11.87 -24.54 -10.32
N TYR A 556 13.03 -24.04 -9.92
CA TYR A 556 14.31 -24.74 -10.04
C TYR A 556 14.74 -25.02 -8.61
N ASN A 557 14.85 -26.29 -8.25
CA ASN A 557 15.15 -26.67 -6.87
C ASN A 557 16.38 -27.58 -6.89
N CYS A 558 17.55 -27.00 -6.70
CA CYS A 558 18.82 -27.71 -6.84
C CYS A 558 19.81 -27.15 -5.83
N PRO A 559 19.70 -27.54 -4.56
CA PRO A 559 20.57 -26.97 -3.52
C PRO A 559 22.03 -27.35 -3.70
N PHE A 560 22.90 -26.43 -3.32
CA PHE A 560 24.34 -26.68 -3.26
C PHE A 560 24.88 -26.10 -1.97
N PRO A 561 25.97 -26.66 -1.43
CA PRO A 561 26.71 -27.81 -1.97
C PRO A 561 26.04 -29.14 -1.71
N SER A 562 26.40 -30.13 -2.51
CA SER A 562 26.03 -31.51 -2.23
C SER A 562 26.43 -31.86 -0.81
N GLY A 563 25.51 -32.47 -0.08
CA GLY A 563 25.73 -32.81 1.31
C GLY A 563 25.11 -31.87 2.31
N SER A 564 24.59 -30.72 1.88
CA SER A 564 24.07 -29.73 2.82
C SER A 564 22.57 -29.82 3.04
N GLY A 565 21.87 -30.70 2.33
CA GLY A 565 20.46 -30.96 2.59
C GLY A 565 19.54 -30.54 1.47
N THR A 566 18.24 -30.72 1.71
CA THR A 566 17.21 -30.41 0.75
C THR A 566 16.57 -29.06 1.05
N PHE A 567 15.81 -28.56 0.08
CA PHE A 567 14.98 -27.37 0.24
C PHE A 567 13.54 -27.78 -0.01
N THR A 568 12.68 -27.60 0.99
CA THR A 568 11.27 -28.00 0.90
C THR A 568 10.42 -26.77 0.58
N VAL A 569 9.82 -26.78 -0.61
CA VAL A 569 8.88 -25.75 -1.04
C VAL A 569 7.48 -26.22 -0.62
N THR A 570 6.86 -25.52 0.32
CA THR A 570 5.49 -25.85 0.71
C THR A 570 4.54 -24.98 -0.10
N ASP A 571 3.62 -25.62 -0.80
CA ASP A 571 2.55 -24.96 -1.51
C ASP A 571 1.45 -24.67 -0.50
N GLY A 572 1.38 -23.42 -0.04
CA GLY A 572 0.40 -23.02 0.93
C GLY A 572 -0.94 -22.60 0.35
N GLY A 573 -1.12 -22.74 -0.97
CA GLY A 573 -2.38 -22.48 -1.59
C GLY A 573 -2.43 -21.14 -2.31
N GLY A 574 -3.38 -21.04 -3.24
CA GLY A 574 -3.61 -19.80 -3.96
C GLY A 574 -2.59 -19.49 -5.03
N ASN A 575 -1.70 -20.42 -5.36
CA ASN A 575 -0.68 -20.20 -6.36
C ASN A 575 -1.20 -20.63 -7.73
N SER A 576 -0.80 -19.91 -8.77
CA SER A 576 -1.19 -20.30 -10.11
C SER A 576 -0.16 -19.83 -11.12
N GLY A 577 -0.04 -20.58 -12.21
CA GLY A 577 0.81 -20.21 -13.32
C GLY A 577 2.25 -20.65 -13.21
N TRP A 578 2.64 -21.31 -12.12
CA TRP A 578 4.02 -21.73 -11.96
C TRP A 578 4.09 -23.13 -11.37
N ASP A 579 3.16 -24.01 -11.77
CA ASP A 579 3.03 -25.36 -11.21
C ASP A 579 3.92 -26.38 -11.92
N THR A 580 5.11 -25.96 -12.34
CA THR A 580 6.07 -26.84 -12.98
C THR A 580 7.42 -26.70 -12.32
N THR A 581 8.19 -27.78 -12.40
CA THR A 581 9.54 -27.85 -11.86
C THR A 581 10.49 -28.18 -13.00
N TRP A 582 11.61 -27.46 -13.06
CA TRP A 582 12.66 -27.76 -14.01
C TRP A 582 13.18 -29.17 -13.78
N SER A 583 13.15 -30.01 -14.83
CA SER A 583 13.37 -31.44 -14.62
C SER A 583 14.82 -31.80 -14.34
N ASP A 584 15.78 -31.01 -14.83
CA ASP A 584 17.18 -31.42 -14.89
C ASP A 584 18.06 -30.45 -14.11
N CYS A 585 18.47 -30.86 -12.90
CA CYS A 585 19.31 -30.01 -12.06
C CYS A 585 20.72 -29.84 -12.61
N SER A 586 21.15 -30.69 -13.54
CA SER A 586 22.48 -30.54 -14.11
C SER A 586 22.56 -29.49 -15.21
N THR A 587 21.44 -28.86 -15.55
CA THR A 587 21.42 -27.81 -16.55
C THR A 587 20.83 -26.54 -15.93
N TRP A 588 20.97 -25.45 -16.65
CA TRP A 588 20.40 -24.23 -16.12
C TRP A 588 19.28 -23.72 -17.01
N PRO A 589 18.18 -23.29 -16.42
CA PRO A 589 17.11 -22.66 -17.20
C PRO A 589 17.65 -21.44 -17.93
N GLN A 590 17.34 -21.35 -19.21
CA GLN A 590 17.81 -20.21 -19.98
C GLN A 590 16.65 -19.32 -20.40
N PRO A 591 16.86 -18.00 -20.45
CA PRO A 591 15.81 -17.08 -20.91
C PRO A 591 15.67 -17.08 -22.42
N ALA B 53 -5.87 3.61 0.41
CA ALA B 53 -6.65 2.58 1.08
C ALA B 53 -8.01 2.37 0.44
N GLY B 54 -8.48 1.13 0.55
CA GLY B 54 -9.80 0.77 0.07
C GLY B 54 -9.76 0.01 -1.23
N ALA B 55 -10.95 -0.33 -1.69
CA ALA B 55 -11.11 -1.08 -2.91
C ALA B 55 -10.88 -0.19 -4.11
N ASP B 56 -10.42 -0.80 -5.20
CA ASP B 56 -10.35 -0.13 -6.49
C ASP B 56 -11.74 -0.26 -7.12
N LEU B 57 -12.50 0.83 -7.05
CA LEU B 57 -13.90 0.79 -7.42
C LEU B 57 -14.16 1.68 -8.63
N PRO B 58 -14.97 1.22 -9.58
CA PRO B 58 -15.26 2.01 -10.77
C PRO B 58 -16.38 3.03 -10.56
N PHE B 59 -16.68 3.37 -9.31
CA PHE B 59 -17.68 4.38 -9.05
C PHE B 59 -17.12 5.44 -8.10
N THR B 60 -17.74 6.62 -8.15
CA THR B 60 -17.45 7.70 -7.21
C THR B 60 -18.73 8.09 -6.51
N SER B 61 -18.66 8.26 -5.19
CA SER B 61 -19.79 8.62 -4.38
C SER B 61 -19.82 10.14 -4.17
N VAL B 62 -21.02 10.70 -4.17
CA VAL B 62 -21.25 12.10 -3.83
C VAL B 62 -22.26 12.13 -2.70
N GLU B 63 -21.87 12.71 -1.56
CA GLU B 63 -22.79 12.82 -0.44
C GLU B 63 -23.92 13.79 -0.79
N ALA B 64 -25.15 13.39 -0.44
CA ALA B 64 -26.30 14.25 -0.78
C ALA B 64 -26.18 15.62 -0.10
N GLU B 65 -25.67 15.65 1.12
CA GLU B 65 -25.53 16.88 1.89
C GLU B 65 -24.52 17.84 1.28
N SER B 66 -23.71 17.38 0.33
CA SER B 66 -22.75 18.24 -0.36
C SER B 66 -23.32 18.83 -1.65
N ALA B 67 -24.51 18.42 -2.05
CA ALA B 67 -25.11 18.85 -3.30
C ALA B 67 -26.07 20.02 -3.04
N THR B 68 -26.69 20.49 -4.12
CA THR B 68 -27.70 21.54 -4.04
CA THR B 68 -27.69 21.54 -4.01
C THR B 68 -29.07 20.91 -3.83
N THR B 69 -29.86 21.49 -2.93
CA THR B 69 -31.13 20.84 -2.59
C THR B 69 -32.18 21.87 -2.20
N THR B 70 -33.44 21.48 -2.37
CA THR B 70 -34.58 22.18 -1.79
C THR B 70 -35.16 21.43 -0.59
N GLY B 71 -34.50 20.37 -0.15
CA GLY B 71 -34.90 19.63 1.02
C GLY B 71 -34.22 20.14 2.27
N THR B 72 -34.23 19.31 3.30
CA THR B 72 -33.73 19.67 4.63
C THR B 72 -32.58 18.76 5.00
N LYS B 73 -31.41 19.36 5.23
CA LYS B 73 -30.26 18.58 5.67
C LYS B 73 -30.46 18.10 7.11
N ILE B 74 -30.13 16.84 7.36
CA ILE B 74 -30.15 16.28 8.70
C ILE B 74 -28.72 15.94 9.12
N GLY B 75 -28.48 15.98 10.43
CA GLY B 75 -27.17 15.71 10.97
C GLY B 75 -26.28 16.94 10.97
N PRO B 76 -25.01 16.78 11.37
CA PRO B 76 -24.40 15.52 11.81
C PRO B 76 -24.86 15.09 13.20
N ASP B 77 -25.01 13.79 13.38
CA ASP B 77 -25.37 13.25 14.69
C ASP B 77 -24.80 11.85 14.74
N TYR B 78 -24.11 11.54 15.84
CA TYR B 78 -23.60 10.21 16.11
C TYR B 78 -24.48 9.45 17.09
N THR B 79 -25.50 10.08 17.64
CA THR B 79 -26.29 9.48 18.71
C THR B 79 -26.91 8.16 18.24
N GLN B 80 -26.69 7.12 19.05
CA GLN B 80 -27.15 5.78 18.67
C GLN B 80 -28.65 5.78 18.43
N GLY B 81 -29.06 5.13 17.34
CA GLY B 81 -30.46 4.98 17.01
C GLY B 81 -31.09 6.11 16.22
N THR B 82 -30.35 7.18 15.92
CA THR B 82 -30.90 8.27 15.12
C THR B 82 -30.71 8.01 13.63
N LEU B 83 -31.61 8.59 12.83
CA LEU B 83 -31.53 8.43 11.39
C LEU B 83 -30.20 8.97 10.85
N ALA B 84 -29.76 10.13 11.33
CA ALA B 84 -28.50 10.70 10.84
C ALA B 84 -27.30 9.82 11.20
N SER B 85 -27.34 9.12 12.33
CA SER B 85 -26.16 8.38 12.76
C SER B 85 -25.79 7.28 11.78
N GLU B 86 -26.77 6.73 11.05
CA GLU B 86 -26.53 5.65 10.09
C GLU B 86 -26.25 6.17 8.69
N ALA B 87 -26.26 7.49 8.48
CA ALA B 87 -25.96 8.03 7.17
C ALA B 87 -24.44 8.12 6.97
N SER B 88 -24.01 7.87 5.74
CA SER B 88 -22.64 8.18 5.36
C SER B 88 -22.34 9.65 5.68
N GLY B 89 -21.22 9.90 6.37
CA GLY B 89 -20.89 11.24 6.81
C GLY B 89 -21.74 11.77 7.94
N ARG B 90 -22.64 10.94 8.48
CA ARG B 90 -23.58 11.31 9.56
C ARG B 90 -24.56 12.39 9.14
N GLN B 91 -24.74 12.59 7.83
CA GLN B 91 -25.62 13.62 7.30
C GLN B 91 -26.34 13.07 6.07
N ALA B 92 -27.53 13.60 5.83
CA ALA B 92 -28.34 13.21 4.68
C ALA B 92 -29.28 14.37 4.39
N VAL B 93 -30.10 14.23 3.35
CA VAL B 93 -31.04 15.27 2.95
C VAL B 93 -32.45 14.69 2.88
N ARG B 94 -33.34 15.24 3.68
CA ARG B 94 -34.74 14.84 3.67
C ARG B 94 -35.47 15.55 2.53
N LEU B 95 -36.08 14.78 1.64
CA LEU B 95 -36.89 15.31 0.54
C LEU B 95 -38.35 14.96 0.80
N ASP B 96 -39.13 15.96 1.18
CA ASP B 96 -40.58 15.79 1.12
C ASP B 96 -41.02 15.85 -0.34
N ALA B 97 -42.26 15.43 -0.60
CA ALA B 97 -42.76 15.39 -1.97
C ALA B 97 -42.57 16.75 -2.64
N GLY B 98 -42.01 16.72 -3.84
CA GLY B 98 -41.73 17.93 -4.59
C GLY B 98 -40.34 18.50 -4.39
N GLN B 99 -39.61 18.06 -3.38
CA GLN B 99 -38.27 18.56 -3.12
C GLN B 99 -37.23 17.71 -3.85
N ARG B 100 -36.07 18.30 -4.10
CA ARG B 100 -35.08 17.66 -4.96
C ARG B 100 -33.68 17.86 -4.42
N VAL B 101 -32.78 16.98 -4.86
CA VAL B 101 -31.35 17.16 -4.66
C VAL B 101 -30.67 17.04 -6.01
N GLU B 102 -29.79 17.99 -6.32
CA GLU B 102 -29.16 18.10 -7.64
C GLU B 102 -27.68 17.81 -7.48
N PHE B 103 -27.24 16.66 -7.99
CA PHE B 103 -25.84 16.25 -7.92
C PHE B 103 -25.08 16.72 -9.16
N THR B 104 -23.84 17.16 -8.96
CA THR B 104 -22.91 17.29 -10.06
C THR B 104 -22.26 15.94 -10.31
N VAL B 105 -22.35 15.47 -11.54
CA VAL B 105 -21.77 14.18 -11.92
C VAL B 105 -20.25 14.25 -11.76
N PRO B 106 -19.63 13.30 -11.04
CA PRO B 106 -18.18 13.41 -10.74
C PRO B 106 -17.27 12.80 -11.79
N ARG B 107 -17.82 11.94 -12.65
CA ARG B 107 -17.02 11.14 -13.58
C ARG B 107 -17.95 10.59 -14.64
N ALA B 108 -17.37 10.05 -15.70
CA ALA B 108 -18.16 9.39 -16.74
C ALA B 108 -19.00 8.28 -16.11
N ALA B 109 -20.29 8.26 -16.42
CA ALA B 109 -21.17 7.29 -15.78
C ALA B 109 -22.40 7.05 -16.65
N ASN B 110 -23.03 5.90 -16.43
CA ASN B 110 -24.30 5.61 -17.10
C ASN B 110 -25.24 4.91 -16.13
N ALA B 111 -24.95 4.96 -14.84
CA ALA B 111 -25.65 4.16 -13.85
C ALA B 111 -25.52 4.86 -12.50
N LEU B 112 -26.52 4.64 -11.66
CA LEU B 112 -26.65 5.35 -10.40
C LEU B 112 -27.10 4.36 -9.33
N THR B 113 -26.46 4.40 -8.16
CA THR B 113 -26.92 3.71 -6.97
C THR B 113 -27.13 4.75 -5.88
N VAL B 114 -28.29 4.73 -5.24
CA VAL B 114 -28.64 5.72 -4.23
C VAL B 114 -28.90 5.03 -2.91
N ALA B 115 -28.21 5.49 -1.86
CA ALA B 115 -28.51 5.07 -0.49
C ALA B 115 -29.51 6.06 0.11
N TYR B 116 -30.58 5.54 0.71
CA TYR B 116 -31.71 6.37 1.09
C TYR B 116 -32.48 5.67 2.21
N SER B 117 -33.35 6.43 2.87
CA SER B 117 -34.31 5.87 3.82
C SER B 117 -35.69 6.46 3.53
N VAL B 118 -36.73 5.65 3.69
CA VAL B 118 -38.11 6.16 3.71
C VAL B 118 -38.75 5.73 5.01
N PRO B 119 -39.85 6.37 5.43
CA PRO B 119 -40.45 6.02 6.73
C PRO B 119 -40.89 4.56 6.77
N ASP B 120 -40.76 3.96 7.95
CA ASP B 120 -41.09 2.55 8.11
C ASP B 120 -42.55 2.30 7.81
N GLY B 121 -42.83 1.39 6.88
CA GLY B 121 -44.18 1.09 6.46
C GLY B 121 -44.58 1.74 5.15
N GLN B 122 -43.70 2.54 4.55
CA GLN B 122 -43.99 3.24 3.31
CA GLN B 122 -43.98 3.25 3.31
C GLN B 122 -43.07 2.76 2.19
N SER B 123 -43.51 3.00 0.96
CA SER B 123 -42.71 2.74 -0.22
C SER B 123 -43.24 3.64 -1.33
N GLY B 124 -42.45 3.77 -2.38
CA GLY B 124 -42.86 4.60 -3.49
C GLY B 124 -41.75 4.69 -4.51
N THR B 125 -41.61 5.85 -5.13
CA THR B 125 -40.63 6.05 -6.18
C THR B 125 -39.91 7.36 -5.95
N LEU B 126 -38.77 7.48 -6.63
CA LEU B 126 -37.95 8.68 -6.60
C LEU B 126 -37.62 9.01 -8.04
N ASP B 127 -38.05 10.18 -8.50
CA ASP B 127 -37.84 10.56 -9.89
C ASP B 127 -36.39 10.97 -10.14
N VAL B 128 -35.93 10.74 -11.37
CA VAL B 128 -34.56 11.00 -11.78
C VAL B 128 -34.58 11.91 -13.00
N TYR B 129 -33.80 12.97 -12.97
CA TYR B 129 -33.60 13.88 -14.09
C TYR B 129 -32.13 13.90 -14.45
N VAL B 130 -31.83 14.03 -15.73
CA VAL B 130 -30.45 14.15 -16.21
C VAL B 130 -30.36 15.44 -17.03
N ASN B 131 -29.51 16.35 -16.58
CA ASN B 131 -29.35 17.66 -17.22
C ASN B 131 -30.70 18.36 -17.42
N GLY B 132 -31.58 18.20 -16.43
CA GLY B 132 -32.86 18.87 -16.44
C GLY B 132 -34.00 18.13 -17.10
N THR B 133 -33.73 17.01 -17.78
CA THR B 133 -34.76 16.25 -18.47
C THR B 133 -35.12 15.01 -17.65
N LYS B 134 -36.42 14.82 -17.42
CA LYS B 134 -36.87 13.71 -16.61
C LYS B 134 -36.69 12.39 -17.37
N LEU B 135 -36.13 11.39 -16.70
CA LEU B 135 -35.99 10.07 -17.28
C LEU B 135 -37.34 9.36 -17.29
N ASP B 136 -37.51 8.46 -18.27
CA ASP B 136 -38.74 7.67 -18.39
C ASP B 136 -38.85 6.57 -17.35
N ARG B 137 -37.82 6.40 -16.51
CA ARG B 137 -37.85 5.43 -15.43
C ARG B 137 -37.49 6.13 -14.13
N SER B 138 -37.92 5.54 -13.02
CA SER B 138 -37.68 6.10 -11.70
C SER B 138 -37.05 5.03 -10.82
N LEU B 139 -36.53 5.46 -9.68
CA LEU B 139 -35.98 4.55 -8.67
C LEU B 139 -37.08 4.08 -7.74
N THR B 140 -37.11 2.78 -7.47
CA THR B 140 -38.00 2.23 -6.46
C THR B 140 -37.39 2.43 -5.09
N VAL B 141 -38.16 2.97 -4.16
CA VAL B 141 -37.70 3.22 -2.79
C VAL B 141 -38.68 2.55 -1.82
N THR B 142 -38.14 1.90 -0.79
CA THR B 142 -38.99 1.14 0.11
C THR B 142 -38.34 1.03 1.48
N SER B 143 -39.18 0.77 2.47
CA SER B 143 -38.77 0.42 3.82
C SER B 143 -38.83 -1.08 4.08
N LYS B 144 -39.21 -1.87 3.08
CA LYS B 144 -39.44 -3.30 3.27
C LYS B 144 -38.23 -4.00 3.88
N TYR B 145 -37.03 -3.61 3.46
CA TYR B 145 -35.79 -4.26 3.87
C TYR B 145 -35.09 -3.53 5.00
N SER B 146 -35.75 -2.54 5.60
CA SER B 146 -35.17 -1.65 6.58
C SER B 146 -35.94 -1.77 7.89
N TYR B 147 -35.37 -1.17 8.95
CA TYR B 147 -35.96 -1.11 10.28
C TYR B 147 -35.97 -2.49 10.94
N VAL B 148 -34.82 -2.85 11.50
CA VAL B 148 -34.54 -4.19 12.01
C VAL B 148 -34.30 -4.09 13.51
N ASP B 149 -34.96 -4.96 14.27
CA ASP B 149 -34.73 -5.09 15.70
C ASP B 149 -33.92 -6.34 15.97
N THR B 150 -32.97 -6.25 16.92
CA THR B 150 -32.21 -7.39 17.41
C THR B 150 -32.16 -7.28 18.94
N GLY B 151 -33.31 -7.54 19.57
CA GLY B 151 -33.43 -7.36 21.01
C GLY B 151 -32.57 -8.28 21.84
N TRP B 152 -32.07 -9.37 21.25
CA TRP B 152 -31.21 -10.29 21.97
C TRP B 152 -29.76 -9.81 22.06
N ILE B 153 -29.41 -8.73 21.35
CA ILE B 153 -28.08 -8.17 21.40
C ILE B 153 -28.09 -7.05 22.46
N PRO B 154 -27.42 -7.22 23.58
CA PRO B 154 -27.50 -6.20 24.64
C PRO B 154 -27.03 -4.84 24.14
N GLY B 155 -27.86 -3.82 24.40
CA GLY B 155 -27.53 -2.47 24.02
C GLY B 155 -27.93 -2.06 22.62
N ALA B 156 -28.31 -3.00 21.76
CA ALA B 156 -28.71 -2.65 20.40
C ALA B 156 -30.07 -1.97 20.40
N LYS B 157 -30.24 -1.01 19.50
CA LYS B 157 -31.50 -0.34 19.25
C LYS B 157 -31.95 -0.65 17.83
N THR B 158 -33.20 -0.32 17.52
CA THR B 158 -33.67 -0.45 16.15
C THR B 158 -32.69 0.20 15.19
N HIS B 159 -32.43 -0.46 14.07
CA HIS B 159 -31.35 -0.03 13.18
C HIS B 159 -31.70 -0.40 11.75
N HIS B 160 -30.74 -0.18 10.85
CA HIS B 160 -30.89 -0.58 9.44
C HIS B 160 -31.96 0.28 8.74
N PHE B 161 -31.86 1.61 8.92
CA PHE B 161 -32.87 2.51 8.39
C PHE B 161 -32.76 2.74 6.89
N TYR B 162 -31.59 2.54 6.31
CA TYR B 162 -31.33 2.88 4.91
C TYR B 162 -31.40 1.63 4.04
N ASP B 163 -31.27 1.85 2.74
CA ASP B 163 -31.38 0.85 1.70
C ASP B 163 -30.71 1.44 0.47
N ASN B 164 -30.43 0.60 -0.52
CA ASN B 164 -29.80 1.04 -1.76
C ASN B 164 -30.66 0.66 -2.95
N THR B 165 -30.84 1.60 -3.87
CA THR B 165 -31.62 1.37 -5.08
C THR B 165 -30.80 1.84 -6.27
N ARG B 166 -30.90 1.12 -7.37
CA ARG B 166 -30.02 1.37 -8.50
C ARG B 166 -30.82 1.45 -9.79
N LEU B 167 -30.23 2.13 -10.78
CA LEU B 167 -30.87 2.30 -12.07
C LEU B 167 -29.80 2.56 -13.13
N LEU B 168 -29.95 1.91 -14.28
CA LEU B 168 -29.21 2.32 -15.47
C LEU B 168 -29.87 3.56 -16.04
N LEU B 169 -29.06 4.59 -16.32
CA LEU B 169 -29.63 5.86 -16.76
C LEU B 169 -30.25 5.78 -18.14
N GLY B 170 -29.80 4.85 -18.98
CA GLY B 170 -30.21 4.83 -20.37
C GLY B 170 -29.47 5.81 -21.23
N ARG B 171 -28.46 6.50 -20.69
CA ARG B 171 -27.63 7.43 -21.43
C ARG B 171 -26.33 7.61 -20.64
N ASP B 172 -25.34 8.19 -21.31
CA ASP B 172 -24.06 8.49 -20.68
C ASP B 172 -24.07 9.91 -20.14
N VAL B 173 -23.37 10.11 -19.04
CA VAL B 173 -23.12 11.45 -18.50
C VAL B 173 -21.61 11.60 -18.29
N GLN B 174 -21.17 12.84 -18.27
CA GLN B 174 -19.76 13.18 -18.04
C GLN B 174 -19.66 14.11 -16.83
N ALA B 175 -18.43 14.24 -16.33
CA ALA B 175 -18.18 15.13 -15.20
C ALA B 175 -18.70 16.52 -15.52
N GLY B 176 -19.49 17.08 -14.59
CA GLY B 176 -20.08 18.39 -14.76
C GLY B 176 -21.53 18.38 -15.21
N ASP B 177 -22.01 17.25 -15.74
CA ASP B 177 -23.44 17.09 -15.95
C ASP B 177 -24.14 17.06 -14.59
N THR B 178 -25.46 17.13 -14.61
CA THR B 178 -26.24 17.08 -13.39
C THR B 178 -27.20 15.91 -13.42
N VAL B 179 -27.37 15.29 -12.25
CA VAL B 179 -28.40 14.29 -12.02
C VAL B 179 -29.19 14.74 -10.81
N THR B 180 -30.50 14.88 -10.97
CA THR B 180 -31.36 15.38 -9.91
C THR B 180 -32.33 14.28 -9.51
N LEU B 181 -32.50 14.10 -8.21
CA LEU B 181 -33.51 13.20 -7.66
C LEU B 181 -34.61 14.04 -7.03
N GLN B 182 -35.87 13.69 -7.32
CA GLN B 182 -37.00 14.46 -6.80
C GLN B 182 -38.04 13.52 -6.21
N ALA B 183 -38.44 13.81 -4.98
CA ALA B 183 -39.45 13.00 -4.31
C ALA B 183 -40.82 13.30 -4.88
N THR B 184 -41.66 12.27 -4.96
CA THR B 184 -42.98 12.32 -5.57
C THR B 184 -44.11 12.27 -4.57
N ASN B 185 -43.96 11.51 -3.49
CA ASN B 185 -45.00 11.38 -2.48
C ASN B 185 -44.39 10.87 -1.19
N VAL B 186 -43.68 9.75 -1.28
CA VAL B 186 -42.98 9.24 -0.12
C VAL B 186 -41.79 10.14 0.17
N GLN B 187 -41.63 10.51 1.43
CA GLN B 187 -40.48 11.30 1.86
C GLN B 187 -39.23 10.44 1.77
N VAL B 188 -38.23 10.89 1.00
CA VAL B 188 -37.01 10.14 0.82
C VAL B 188 -35.87 10.91 1.45
N THR B 189 -35.20 10.30 2.41
CA THR B 189 -33.98 10.87 2.99
C THR B 189 -32.80 10.29 2.21
N VAL B 190 -32.18 11.13 1.38
CA VAL B 190 -31.11 10.68 0.49
C VAL B 190 -29.77 10.87 1.20
N ASP B 191 -28.99 9.81 1.27
CA ASP B 191 -27.72 9.84 1.98
C ASP B 191 -26.54 10.16 1.06
N VAL B 192 -26.39 9.38 -0.01
CA VAL B 192 -25.22 9.43 -0.88
C VAL B 192 -25.61 8.74 -2.17
N ALA B 193 -25.03 9.20 -3.29
CA ALA B 193 -25.26 8.60 -4.59
C ALA B 193 -23.94 8.19 -5.21
N ASP B 194 -23.94 7.02 -5.85
CA ASP B 194 -22.76 6.45 -6.49
C ASP B 194 -22.95 6.50 -8.00
N PHE B 195 -21.94 7.01 -8.71
CA PHE B 195 -21.98 7.17 -10.16
C PHE B 195 -20.96 6.22 -10.78
N GLU B 196 -21.40 5.38 -11.70
CA GLU B 196 -20.59 4.30 -12.25
C GLU B 196 -20.84 4.20 -13.75
N GLN B 197 -19.79 3.85 -14.51
CA GLN B 197 -19.95 3.46 -15.91
C GLN B 197 -20.00 1.93 -15.95
N VAL B 198 -21.19 1.39 -16.22
CA VAL B 198 -21.42 -0.04 -16.25
C VAL B 198 -21.29 -0.52 -17.70
N SER B 199 -20.51 -1.58 -17.90
CA SER B 199 -20.33 -2.14 -19.23
C SER B 199 -21.64 -2.69 -19.78
N ALA B 200 -21.73 -2.76 -21.11
CA ALA B 200 -22.83 -3.45 -21.74
C ALA B 200 -22.84 -4.91 -21.31
N ALA B 201 -24.00 -5.55 -21.46
CA ALA B 201 -24.12 -6.95 -21.12
C ALA B 201 -23.14 -7.77 -21.94
N ALA B 202 -22.46 -8.71 -21.27
CA ALA B 202 -21.52 -9.59 -21.95
C ALA B 202 -22.26 -10.68 -22.74
N GLY B 203 -21.56 -11.29 -23.69
CA GLY B 203 -22.11 -12.36 -24.49
C GLY B 203 -21.74 -13.74 -23.97
N GLN B 204 -22.51 -14.73 -24.40
CA GLN B 204 -22.31 -16.09 -23.91
C GLN B 204 -21.01 -16.68 -24.45
N PRO B 205 -20.15 -17.24 -23.60
CA PRO B 205 -18.94 -17.88 -24.11
C PRO B 205 -19.24 -19.21 -24.79
N ALA B 206 -18.43 -19.54 -25.80
CA ALA B 206 -18.56 -20.80 -26.51
C ALA B 206 -18.41 -21.97 -25.54
N GLY B 207 -19.23 -22.99 -25.74
CA GLY B 207 -19.13 -24.20 -24.97
C GLY B 207 -19.83 -24.18 -23.63
N SER B 208 -20.43 -23.05 -23.24
CA SER B 208 -21.12 -22.97 -21.96
C SER B 208 -22.56 -23.49 -22.10
N VAL B 209 -23.13 -23.89 -20.97
CA VAL B 209 -24.49 -24.42 -20.90
C VAL B 209 -25.37 -23.33 -20.30
N SER B 210 -26.33 -22.85 -21.07
CA SER B 210 -27.22 -21.80 -20.58
C SER B 210 -28.28 -22.36 -19.63
N VAL B 211 -28.51 -21.64 -18.53
CA VAL B 211 -29.58 -22.06 -17.63
C VAL B 211 -30.94 -22.03 -18.32
N THR B 212 -31.14 -21.12 -19.27
CA THR B 212 -32.42 -21.07 -19.98
C THR B 212 -32.60 -22.29 -20.86
N ASP B 213 -31.51 -22.81 -21.44
CA ASP B 213 -31.62 -24.04 -22.20
C ASP B 213 -32.00 -25.23 -21.33
N LYS B 214 -31.80 -25.13 -20.02
CA LYS B 214 -32.21 -26.16 -19.08
C LYS B 214 -33.54 -25.85 -18.40
N GLY B 215 -34.24 -24.81 -18.84
CA GLY B 215 -35.60 -24.54 -18.40
C GLY B 215 -35.76 -23.32 -17.53
N ALA B 216 -34.70 -22.56 -17.28
CA ALA B 216 -34.83 -21.41 -16.40
C ALA B 216 -35.69 -20.34 -17.07
N ASP B 217 -36.50 -19.65 -16.26
CA ASP B 217 -37.41 -18.64 -16.75
C ASP B 217 -36.81 -17.28 -16.49
N PRO B 218 -36.30 -16.57 -17.51
CA PRO B 218 -35.67 -15.27 -17.30
C PRO B 218 -36.64 -14.12 -17.07
N THR B 219 -37.94 -14.39 -16.97
CA THR B 219 -38.90 -13.38 -16.53
C THR B 219 -39.12 -13.39 -15.02
N GLY B 220 -38.60 -14.40 -14.32
CA GLY B 220 -38.73 -14.46 -12.88
C GLY B 220 -40.04 -14.98 -12.36
N GLN B 221 -40.93 -15.46 -13.23
CA GLN B 221 -42.22 -15.97 -12.78
C GLN B 221 -42.09 -17.38 -12.24
N GLY B 222 -41.65 -18.31 -13.08
CA GLY B 222 -41.47 -19.69 -12.62
C GLY B 222 -40.17 -19.86 -11.86
N ASP B 223 -40.14 -20.87 -11.00
CA ASP B 223 -38.93 -21.14 -10.24
C ASP B 223 -37.88 -21.78 -11.15
N SER B 224 -36.63 -21.37 -10.95
CA SER B 224 -35.53 -21.84 -11.80
C SER B 224 -34.53 -22.72 -11.06
N THR B 225 -34.83 -23.15 -9.83
CA THR B 225 -33.87 -23.94 -9.06
C THR B 225 -33.48 -25.21 -9.80
N GLN B 226 -34.47 -25.96 -10.31
CA GLN B 226 -34.17 -27.20 -11.01
C GLN B 226 -33.31 -26.95 -12.24
N ALA B 227 -33.63 -25.90 -13.01
CA ALA B 227 -32.86 -25.60 -14.21
C ALA B 227 -31.40 -25.29 -13.89
N PHE B 228 -31.16 -24.53 -12.82
CA PHE B 228 -29.78 -24.24 -12.43
C PHE B 228 -29.07 -25.52 -11.99
N ARG B 229 -29.74 -26.36 -11.20
CA ARG B 229 -29.16 -27.62 -10.80
C ARG B 229 -28.83 -28.49 -12.02
N ASP B 230 -29.74 -28.55 -12.99
CA ASP B 230 -29.51 -29.35 -14.18
C ASP B 230 -28.37 -28.78 -15.01
N ALA B 231 -28.28 -27.46 -15.11
CA ALA B 231 -27.17 -26.86 -15.87
C ALA B 231 -25.84 -27.16 -15.21
N ILE B 232 -25.78 -27.07 -13.88
CA ILE B 232 -24.55 -27.39 -13.16
C ILE B 232 -24.14 -28.83 -13.42
N ALA B 233 -25.11 -29.76 -13.38
CA ALA B 233 -24.81 -31.16 -13.63
C ALA B 233 -24.32 -31.39 -15.06
N ALA B 234 -24.83 -30.62 -16.02
CA ALA B 234 -24.44 -30.78 -17.42
C ALA B 234 -23.14 -30.06 -17.75
N ALA B 235 -22.63 -29.22 -16.85
CA ALA B 235 -21.46 -28.39 -17.15
C ALA B 235 -20.31 -28.66 -16.19
N GLN B 236 -20.22 -29.88 -15.66
CA GLN B 236 -19.11 -30.22 -14.76
C GLN B 236 -17.79 -30.06 -15.48
N GLY B 237 -16.85 -29.36 -14.84
CA GLY B 237 -15.61 -28.99 -15.48
C GLY B 237 -15.73 -27.82 -16.43
N GLY B 238 -16.90 -27.21 -16.54
CA GLY B 238 -17.13 -26.16 -17.51
C GLY B 238 -17.92 -24.99 -16.98
N VAL B 239 -18.67 -24.34 -17.86
CA VAL B 239 -19.27 -23.04 -17.59
C VAL B 239 -20.77 -23.14 -17.77
N VAL B 240 -21.51 -22.66 -16.78
CA VAL B 240 -22.94 -22.41 -16.88
C VAL B 240 -23.15 -20.94 -17.13
N TRP B 241 -23.89 -20.61 -18.18
CA TRP B 241 -24.17 -19.23 -18.57
C TRP B 241 -25.53 -18.81 -18.04
N ILE B 242 -25.60 -17.61 -17.46
CA ILE B 242 -26.86 -17.02 -17.02
C ILE B 242 -27.14 -15.81 -17.92
N PRO B 243 -28.03 -15.94 -18.91
CA PRO B 243 -28.34 -14.80 -19.79
C PRO B 243 -28.93 -13.65 -19.00
N PRO B 244 -28.90 -12.43 -19.55
CA PRO B 244 -29.63 -11.32 -18.94
C PRO B 244 -31.07 -11.73 -18.64
N GLY B 245 -31.56 -11.33 -17.48
CA GLY B 245 -32.89 -11.71 -17.07
C GLY B 245 -33.02 -11.65 -15.56
N ASP B 246 -34.21 -12.03 -15.11
CA ASP B 246 -34.54 -12.14 -13.70
C ASP B 246 -34.95 -13.58 -13.43
N TYR B 247 -34.30 -14.20 -12.45
CA TYR B 247 -34.48 -15.63 -12.20
C TYR B 247 -34.88 -15.82 -10.75
N ARG B 248 -36.03 -16.44 -10.54
CA ARG B 248 -36.44 -16.81 -9.19
C ARG B 248 -35.80 -18.14 -8.83
N ILE B 249 -35.03 -18.17 -7.75
CA ILE B 249 -34.42 -19.40 -7.25
CA ILE B 249 -34.41 -19.39 -7.26
C ILE B 249 -34.82 -19.55 -5.80
N THR B 250 -35.85 -20.35 -5.55
CA THR B 250 -36.20 -20.65 -4.16
C THR B 250 -35.02 -21.28 -3.45
N GLY B 251 -34.35 -22.21 -4.10
CA GLY B 251 -33.15 -22.81 -3.57
C GLY B 251 -33.44 -23.76 -2.43
N PRO B 252 -32.38 -24.23 -1.76
CA PRO B 252 -30.99 -23.91 -2.09
C PRO B 252 -30.44 -24.80 -3.19
N LEU B 253 -29.39 -24.33 -3.84
CA LEU B 253 -28.53 -25.21 -4.62
C LEU B 253 -27.50 -25.85 -3.68
N SER B 254 -27.28 -27.15 -3.89
CA SER B 254 -26.23 -27.88 -3.19
C SER B 254 -25.57 -28.81 -4.19
N GLY B 255 -24.51 -29.49 -3.75
CA GLY B 255 -23.70 -30.22 -4.72
C GLY B 255 -23.06 -29.32 -5.76
N VAL B 256 -22.83 -28.04 -5.42
CA VAL B 256 -22.20 -27.12 -6.35
C VAL B 256 -20.70 -27.33 -6.25
N GLN B 257 -20.10 -27.86 -7.31
CA GLN B 257 -18.68 -28.11 -7.41
C GLN B 257 -18.32 -28.18 -8.88
N ASN B 258 -17.04 -27.94 -9.17
CA ASN B 258 -16.48 -28.14 -10.50
C ASN B 258 -17.29 -27.43 -11.58
N VAL B 259 -17.56 -26.14 -11.36
CA VAL B 259 -18.41 -25.41 -12.28
C VAL B 259 -18.15 -23.92 -12.13
N THR B 260 -18.27 -23.19 -13.22
CA THR B 260 -18.32 -21.75 -13.21
C THR B 260 -19.74 -21.33 -13.53
N LEU B 261 -20.32 -20.49 -12.68
CA LEU B 261 -21.62 -19.88 -12.93
CA LEU B 261 -21.62 -19.89 -12.94
C LEU B 261 -21.34 -18.44 -13.33
N GLN B 262 -21.55 -18.12 -14.61
CA GLN B 262 -21.16 -16.84 -15.17
CA GLN B 262 -21.16 -16.84 -15.17
C GLN B 262 -22.38 -16.14 -15.74
N GLY B 263 -22.64 -14.92 -15.24
CA GLY B 263 -23.65 -14.06 -15.81
C GLY B 263 -23.07 -13.06 -16.79
N ALA B 264 -23.97 -12.22 -17.31
CA ALA B 264 -23.63 -11.21 -18.29
C ALA B 264 -23.21 -9.89 -17.65
N GLY B 265 -23.09 -9.87 -16.33
CA GLY B 265 -22.87 -8.66 -15.56
C GLY B 265 -23.92 -8.56 -14.48
N SER B 266 -23.54 -8.09 -13.31
CA SER B 266 -24.45 -8.04 -12.17
C SER B 266 -25.55 -7.00 -12.31
N TRP B 267 -25.52 -6.16 -13.36
CA TRP B 267 -26.64 -5.28 -13.66
C TRP B 267 -27.62 -5.88 -14.66
N TYR B 268 -27.33 -7.07 -15.16
CA TYR B 268 -28.11 -7.70 -16.24
C TYR B 268 -28.64 -9.08 -15.86
N SER B 269 -27.82 -9.93 -15.24
CA SER B 269 -28.19 -11.29 -14.89
C SER B 269 -28.50 -11.27 -13.40
N VAL B 270 -29.78 -11.30 -13.05
CA VAL B 270 -30.23 -11.05 -11.68
C VAL B 270 -30.98 -12.27 -11.16
N VAL B 271 -30.40 -12.93 -10.15
CA VAL B 271 -31.05 -14.02 -9.43
C VAL B 271 -31.77 -13.44 -8.21
N HIS B 272 -33.04 -13.79 -8.05
CA HIS B 272 -33.82 -13.43 -6.88
C HIS B 272 -33.90 -14.65 -5.99
N SER B 273 -33.14 -14.63 -4.88
CA SER B 273 -33.04 -15.78 -3.99
C SER B 273 -32.64 -15.27 -2.62
N SER B 274 -33.25 -15.86 -1.59
CA SER B 274 -32.85 -15.64 -0.20
C SER B 274 -32.12 -16.84 0.38
N HIS B 275 -31.71 -17.79 -0.46
CA HIS B 275 -31.13 -19.04 0.00
C HIS B 275 -30.48 -19.69 -1.21
N PHE B 276 -29.41 -19.08 -1.73
CA PHE B 276 -28.95 -19.44 -3.07
C PHE B 276 -28.13 -20.72 -3.08
N ILE B 277 -27.00 -20.74 -2.38
CA ILE B 277 -26.19 -21.94 -2.22
C ILE B 277 -26.10 -22.27 -0.73
N ASP B 278 -26.39 -23.52 -0.38
CA ASP B 278 -26.32 -23.96 1.01
C ASP B 278 -25.84 -25.40 0.99
N GLN B 279 -24.61 -25.65 1.43
CA GLN B 279 -24.05 -26.99 1.40
C GLN B 279 -22.92 -27.08 2.42
N THR B 280 -22.79 -28.25 3.05
CA THR B 280 -21.80 -28.38 4.11
C THR B 280 -20.41 -28.70 3.58
N ASP B 281 -20.31 -29.23 2.37
CA ASP B 281 -19.03 -29.57 1.78
C ASP B 281 -19.18 -29.53 0.27
N SER B 282 -18.04 -29.61 -0.41
CA SER B 282 -17.99 -29.52 -1.87
C SER B 282 -16.60 -29.94 -2.31
N ALA B 283 -16.51 -30.58 -3.48
CA ALA B 283 -15.22 -30.84 -4.10
C ALA B 283 -14.51 -29.56 -4.53
N GLY B 284 -15.21 -28.42 -4.53
CA GLY B 284 -14.57 -27.16 -4.81
C GLY B 284 -14.55 -26.81 -6.29
N HIS B 285 -13.65 -25.90 -6.62
CA HIS B 285 -13.52 -25.43 -8.00
C HIS B 285 -14.83 -24.85 -8.52
N VAL B 286 -15.47 -24.06 -7.65
CA VAL B 286 -16.67 -23.31 -7.96
C VAL B 286 -16.27 -21.87 -8.23
N HIS B 287 -16.71 -21.31 -9.35
CA HIS B 287 -16.40 -19.91 -9.67
C HIS B 287 -17.71 -19.20 -9.99
N LEU B 288 -18.15 -18.34 -9.08
CA LEU B 288 -19.36 -17.54 -9.28
C LEU B 288 -18.92 -16.18 -9.78
N LYS B 289 -19.45 -15.76 -10.93
CA LYS B 289 -18.99 -14.49 -11.48
C LYS B 289 -20.08 -13.73 -12.23
N ASP B 290 -20.11 -12.42 -11.99
CA ASP B 290 -20.77 -11.47 -12.87
C ASP B 290 -22.28 -11.64 -12.91
N PHE B 291 -22.89 -11.90 -11.75
CA PHE B 291 -24.34 -11.84 -11.64
C PHE B 291 -24.73 -11.24 -10.29
N ALA B 292 -26.01 -10.98 -10.15
CA ALA B 292 -26.55 -10.47 -8.90
C ALA B 292 -27.35 -11.56 -8.19
N VAL B 293 -27.28 -11.56 -6.86
CA VAL B 293 -28.19 -12.36 -6.03
C VAL B 293 -28.83 -11.38 -5.06
N ILE B 294 -30.14 -11.19 -5.19
CA ILE B 294 -30.89 -10.21 -4.42
C ILE B 294 -32.03 -10.96 -3.75
N GLY B 295 -32.05 -10.93 -2.42
CA GLY B 295 -33.03 -11.66 -1.65
C GLY B 295 -34.25 -10.82 -1.31
N GLU B 296 -35.07 -11.37 -0.42
CA GLU B 296 -36.24 -10.68 0.12
C GLU B 296 -36.21 -10.67 1.64
N VAL B 297 -35.01 -10.62 2.22
CA VAL B 297 -34.85 -10.75 3.66
C VAL B 297 -35.17 -9.42 4.33
N THR B 298 -36.10 -9.45 5.27
CA THR B 298 -36.57 -8.24 5.94
C THR B 298 -36.23 -8.22 7.43
N GLU B 299 -35.70 -9.31 7.96
CA GLU B 299 -35.42 -9.42 9.38
C GLU B 299 -34.10 -10.14 9.54
N ARG B 300 -33.65 -10.22 10.77
CA ARG B 300 -32.50 -11.05 11.10
C ARG B 300 -33.01 -12.22 11.94
N VAL B 301 -33.15 -13.36 11.28
CA VAL B 301 -33.59 -14.60 11.92
C VAL B 301 -32.35 -15.48 12.00
N ASP B 302 -31.72 -15.51 13.18
CA ASP B 302 -30.46 -16.24 13.31
C ASP B 302 -30.63 -17.72 12.98
N SER B 303 -31.84 -18.25 13.07
CA SER B 303 -32.11 -19.67 12.88
C SER B 303 -32.35 -20.07 11.42
N SER B 304 -32.37 -19.12 10.49
CA SER B 304 -32.60 -19.51 9.11
C SER B 304 -31.43 -19.06 8.24
N PRO B 305 -30.91 -19.92 7.38
CA PRO B 305 -29.75 -19.59 6.53
C PRO B 305 -30.16 -18.77 5.31
N ASP B 306 -30.67 -17.56 5.57
CA ASP B 306 -31.22 -16.70 4.52
C ASP B 306 -30.12 -15.91 3.83
N ASN B 307 -29.17 -16.65 3.26
CA ASN B 307 -27.88 -16.11 2.86
C ASN B 307 -27.64 -16.34 1.37
N PHE B 308 -26.70 -15.60 0.80
CA PHE B 308 -26.30 -15.87 -0.58
C PHE B 308 -25.48 -17.16 -0.67
N VAL B 309 -24.43 -17.27 0.13
CA VAL B 309 -23.70 -18.53 0.29
C VAL B 309 -23.72 -18.92 1.75
N ASN B 310 -24.05 -20.19 2.00
CA ASN B 310 -24.07 -20.75 3.34
C ASN B 310 -23.29 -22.05 3.33
N GLY B 311 -22.18 -22.09 4.06
CA GLY B 311 -21.40 -23.30 4.19
C GLY B 311 -20.09 -23.30 3.43
N SER B 312 -19.94 -24.25 2.52
CA SER B 312 -18.65 -24.59 1.93
CA SER B 312 -18.64 -24.58 1.93
C SER B 312 -18.73 -24.51 0.41
N LEU B 313 -17.83 -23.72 -0.18
CA LEU B 313 -17.62 -23.73 -1.63
C LEU B 313 -16.50 -24.67 -2.02
N GLY B 314 -15.92 -25.40 -1.07
CA GLY B 314 -14.83 -26.31 -1.35
C GLY B 314 -13.53 -25.58 -1.65
N PRO B 315 -12.48 -26.34 -1.95
CA PRO B 315 -11.18 -25.73 -2.25
C PRO B 315 -11.11 -25.15 -3.66
N GLY B 316 -10.29 -24.12 -3.81
CA GLY B 316 -10.02 -23.60 -5.15
C GLY B 316 -11.16 -22.86 -5.80
N SER B 317 -11.99 -22.18 -5.01
CA SER B 317 -13.18 -21.52 -5.52
C SER B 317 -13.02 -20.01 -5.53
N SER B 318 -13.97 -19.32 -6.16
CA SER B 318 -13.92 -17.86 -6.22
C SER B 318 -15.32 -17.29 -6.40
N VAL B 319 -15.47 -16.04 -5.96
CA VAL B 319 -16.70 -15.27 -6.08
C VAL B 319 -16.28 -13.86 -6.50
N SER B 320 -16.71 -13.42 -7.70
CA SER B 320 -16.21 -12.15 -8.21
C SER B 320 -17.24 -11.46 -9.10
N GLY B 321 -17.20 -10.13 -9.12
CA GLY B 321 -18.08 -9.35 -9.97
C GLY B 321 -19.55 -9.43 -9.61
N MET B 322 -19.87 -9.80 -8.37
CA MET B 322 -21.24 -10.01 -7.95
C MET B 322 -21.83 -8.76 -7.31
N TRP B 323 -23.16 -8.71 -7.35
CA TRP B 323 -23.95 -7.75 -6.59
C TRP B 323 -24.84 -8.56 -5.65
N ILE B 324 -24.60 -8.44 -4.35
CA ILE B 324 -25.26 -9.25 -3.32
CA ILE B 324 -25.28 -9.24 -3.33
C ILE B 324 -26.05 -8.29 -2.43
N GLN B 325 -27.36 -8.52 -2.28
CA GLN B 325 -28.20 -7.54 -1.60
C GLN B 325 -29.43 -8.20 -1.00
N HIS B 326 -29.93 -7.62 0.10
CA HIS B 326 -31.21 -8.02 0.70
C HIS B 326 -31.22 -9.48 1.15
N VAL B 327 -30.12 -9.91 1.74
CA VAL B 327 -30.02 -11.21 2.40
C VAL B 327 -29.71 -10.95 3.87
N LYS B 328 -29.56 -12.04 4.64
CA LYS B 328 -29.16 -11.92 6.04
C LYS B 328 -27.64 -11.76 6.13
N VAL B 329 -26.91 -12.80 5.75
CA VAL B 329 -25.46 -12.75 5.60
C VAL B 329 -25.16 -12.93 4.11
N GLY B 330 -24.24 -12.13 3.59
CA GLY B 330 -23.81 -12.35 2.22
C GLY B 330 -23.19 -13.72 2.05
N LEU B 331 -22.07 -13.94 2.74
CA LEU B 331 -21.39 -15.24 2.69
C LEU B 331 -21.12 -15.68 4.12
N TRP B 332 -21.80 -16.74 4.55
CA TRP B 332 -21.59 -17.34 5.86
C TRP B 332 -20.83 -18.63 5.58
N LEU B 333 -19.52 -18.62 5.86
CA LEU B 333 -18.63 -19.66 5.37
C LEU B 333 -18.11 -20.51 6.51
N THR B 334 -18.21 -21.83 6.35
CA THR B 334 -17.72 -22.80 7.32
C THR B 334 -17.12 -23.98 6.58
N GLY B 335 -16.32 -24.77 7.28
CA GLY B 335 -15.79 -25.98 6.68
C GLY B 335 -14.73 -25.67 5.64
N THR B 336 -14.70 -26.47 4.58
CA THR B 336 -13.62 -26.37 3.61
C THR B 336 -13.91 -25.26 2.61
N ASN B 337 -13.11 -24.20 2.67
CA ASN B 337 -13.14 -23.11 1.71
C ASN B 337 -11.70 -22.75 1.30
N ASP B 338 -10.83 -23.75 1.24
CA ASP B 338 -9.40 -23.49 1.11
C ASP B 338 -9.13 -22.61 -0.11
N ASP B 339 -8.37 -21.55 0.09
CA ASP B 339 -7.90 -20.70 -0.99
C ASP B 339 -9.01 -19.93 -1.69
N LEU B 340 -10.19 -19.84 -1.08
CA LEU B 340 -11.27 -19.07 -1.67
C LEU B 340 -10.85 -17.62 -1.89
N VAL B 341 -11.22 -17.07 -3.05
CA VAL B 341 -11.02 -15.64 -3.34
C VAL B 341 -12.38 -15.01 -3.54
N VAL B 342 -12.69 -14.00 -2.72
CA VAL B 342 -13.92 -13.22 -2.83
C VAL B 342 -13.48 -11.82 -3.19
N GLU B 343 -13.69 -11.41 -4.44
CA GLU B 343 -13.09 -10.16 -4.92
C GLU B 343 -14.02 -9.41 -5.86
N ASN B 344 -13.93 -8.09 -5.81
CA ASN B 344 -14.62 -7.21 -6.75
CA ASN B 344 -14.62 -7.22 -6.76
C ASN B 344 -16.13 -7.43 -6.73
N ASN B 345 -16.69 -7.53 -5.53
CA ASN B 345 -18.12 -7.65 -5.32
C ASN B 345 -18.65 -6.42 -4.61
N ARG B 346 -19.97 -6.26 -4.70
CA ARG B 346 -20.71 -5.28 -3.92
C ARG B 346 -21.64 -6.07 -3.00
N ILE B 347 -21.58 -5.78 -1.70
CA ILE B 347 -22.44 -6.43 -0.72
C ILE B 347 -23.15 -5.31 0.02
N LEU B 348 -24.47 -5.20 -0.21
CA LEU B 348 -25.24 -4.07 0.26
C LEU B 348 -26.49 -4.55 0.98
N ASP B 349 -26.87 -3.86 2.06
CA ASP B 349 -28.18 -4.03 2.68
C ASP B 349 -28.40 -5.49 3.11
N THR B 350 -27.60 -5.91 4.10
CA THR B 350 -27.75 -7.22 4.70
C THR B 350 -28.16 -7.05 6.16
N THR B 351 -29.08 -7.88 6.63
CA THR B 351 -29.54 -7.69 8.00
C THR B 351 -28.53 -8.15 9.04
N ALA B 352 -27.50 -8.89 8.64
CA ALA B 352 -26.42 -9.28 9.51
C ALA B 352 -25.10 -9.03 8.79
N ASP B 353 -24.08 -9.85 9.01
CA ASP B 353 -22.74 -9.59 8.47
C ASP B 353 -22.72 -9.64 6.95
N GLY B 354 -21.79 -8.91 6.35
CA GLY B 354 -21.55 -9.07 4.92
C GLY B 354 -20.92 -10.40 4.59
N LEU B 355 -19.84 -10.74 5.28
CA LEU B 355 -19.16 -12.00 5.11
C LEU B 355 -18.58 -12.38 6.45
N ASN B 356 -18.72 -13.66 6.80
CA ASN B 356 -18.16 -14.22 8.02
C ASN B 356 -17.41 -15.50 7.68
N LEU B 357 -16.11 -15.55 8.01
CA LEU B 357 -15.33 -16.78 7.95
C LEU B 357 -15.53 -17.44 9.30
N ASN B 358 -16.55 -18.28 9.40
CA ASN B 358 -16.94 -18.88 10.68
CA ASN B 358 -16.95 -18.89 10.66
C ASN B 358 -16.26 -20.25 10.85
N GLY B 359 -14.94 -20.21 10.93
CA GLY B 359 -14.15 -21.35 11.32
C GLY B 359 -13.61 -22.11 10.14
N THR B 360 -12.42 -22.70 10.31
CA THR B 360 -11.82 -23.64 9.38
C THR B 360 -11.38 -23.01 8.06
N ALA B 361 -11.44 -21.68 7.94
CA ALA B 361 -11.08 -21.03 6.68
C ALA B 361 -9.56 -21.01 6.54
N LYS B 362 -9.06 -21.54 5.43
CA LYS B 362 -7.63 -21.67 5.20
CA LYS B 362 -7.62 -21.67 5.20
CA LYS B 362 -7.63 -21.66 5.20
C LYS B 362 -7.25 -20.85 3.98
N ASN B 363 -6.43 -19.81 4.19
CA ASN B 363 -5.93 -18.99 3.09
C ASN B 363 -7.05 -18.41 2.23
N VAL B 364 -8.11 -17.91 2.88
CA VAL B 364 -9.16 -17.20 2.17
C VAL B 364 -8.75 -15.73 2.00
N THR B 365 -8.94 -15.20 0.80
CA THR B 365 -8.67 -13.80 0.50
C THR B 365 -9.99 -13.11 0.17
N VAL B 366 -10.28 -12.03 0.88
CA VAL B 366 -11.44 -11.19 0.61
C VAL B 366 -10.88 -9.82 0.27
N ARG B 367 -10.99 -9.41 -1.00
CA ARG B 367 -10.29 -8.21 -1.46
C ARG B 367 -11.11 -7.42 -2.47
N ASP B 368 -10.92 -6.10 -2.45
CA ASP B 368 -11.49 -5.21 -3.46
CA ASP B 368 -11.49 -5.24 -3.49
C ASP B 368 -13.01 -5.29 -3.51
N ASN B 369 -13.64 -5.44 -2.35
CA ASN B 369 -15.09 -5.45 -2.26
C ASN B 369 -15.57 -4.13 -1.65
N PHE B 370 -16.82 -3.78 -1.98
CA PHE B 370 -17.51 -2.65 -1.39
C PHE B 370 -18.65 -3.16 -0.53
N LEU B 371 -18.71 -2.73 0.72
CA LEU B 371 -19.73 -3.17 1.67
C LEU B 371 -20.37 -1.94 2.29
N ARG B 372 -21.70 -1.83 2.15
CA ARG B 372 -22.46 -0.73 2.74
C ARG B 372 -23.69 -1.32 3.43
N ASN B 373 -23.97 -0.84 4.65
CA ASN B 373 -25.24 -1.13 5.33
C ASN B 373 -25.39 -2.61 5.68
N GLN B 374 -24.37 -3.14 6.35
CA GLN B 374 -24.47 -4.43 7.00
C GLN B 374 -25.09 -4.25 8.39
N GLY B 375 -25.80 -5.27 8.86
CA GLY B 375 -26.47 -5.19 10.14
C GLY B 375 -25.67 -5.66 11.34
N ASP B 376 -24.39 -5.91 11.16
CA ASP B 376 -23.47 -6.38 12.19
C ASP B 376 -22.09 -6.23 11.54
N ASP B 377 -21.07 -6.89 12.07
CA ASP B 377 -19.72 -6.81 11.49
C ASP B 377 -19.78 -6.89 9.97
N ALA B 378 -19.21 -5.89 9.28
CA ALA B 378 -19.27 -5.94 7.82
C ALA B 378 -18.49 -7.14 7.28
N LEU B 379 -17.25 -7.29 7.73
CA LEU B 379 -16.43 -8.48 7.47
C LEU B 379 -15.96 -9.02 8.82
N ALA B 380 -16.11 -10.33 9.01
CA ALA B 380 -15.71 -10.94 10.27
C ALA B 380 -15.03 -12.27 10.03
N MET B 381 -14.12 -12.60 10.93
CA MET B 381 -13.56 -13.93 11.07
C MET B 381 -13.86 -14.38 12.48
N TRP B 382 -14.51 -15.53 12.61
CA TRP B 382 -14.90 -16.05 13.91
C TRP B 382 -14.41 -17.48 13.93
N SER B 383 -13.33 -17.71 14.66
CA SER B 383 -12.61 -18.98 14.64
C SER B 383 -13.25 -19.98 15.60
N LEU B 384 -14.48 -20.36 15.27
CA LEU B 384 -15.18 -21.44 15.96
C LEU B 384 -14.86 -22.75 15.25
N TYR B 385 -14.76 -23.84 16.03
CA TYR B 385 -14.50 -25.20 15.54
C TYR B 385 -13.04 -25.42 15.17
N ALA B 386 -12.50 -24.54 14.35
CA ALA B 386 -11.12 -24.63 13.92
C ALA B 386 -10.68 -23.22 13.59
N PRO B 387 -9.41 -22.90 13.81
CA PRO B 387 -8.97 -21.53 13.51
C PRO B 387 -9.09 -21.20 12.03
N ASP B 388 -9.46 -19.97 11.74
CA ASP B 388 -9.17 -19.42 10.42
C ASP B 388 -7.68 -19.13 10.39
N THR B 389 -6.99 -19.59 9.36
CA THR B 389 -5.54 -19.50 9.28
C THR B 389 -5.12 -18.86 7.97
N ASP B 390 -4.17 -17.93 8.03
CA ASP B 390 -3.60 -17.33 6.83
C ASP B 390 -4.66 -16.66 5.96
N CYS B 391 -5.72 -16.15 6.58
CA CYS B 391 -6.76 -15.45 5.83
C CYS B 391 -6.46 -13.96 5.79
N ARG B 392 -6.92 -13.29 4.73
CA ARG B 392 -6.63 -11.88 4.58
CA ARG B 392 -6.60 -11.89 4.48
C ARG B 392 -7.85 -11.12 4.08
N PHE B 393 -8.10 -9.99 4.73
CA PHE B 393 -9.09 -9.02 4.29
C PHE B 393 -8.28 -7.83 3.80
N GLU B 394 -8.28 -7.58 2.49
CA GLU B 394 -7.37 -6.60 1.90
C GLU B 394 -8.09 -5.68 0.94
N ASN B 395 -7.82 -4.38 1.06
CA ASN B 395 -8.27 -3.41 0.06
C ASN B 395 -9.77 -3.48 -0.16
N ASN B 396 -10.53 -3.55 0.93
CA ASN B 396 -11.98 -3.41 0.88
C ASN B 396 -12.37 -2.02 1.34
N THR B 397 -13.55 -1.58 0.89
CA THR B 397 -14.13 -0.33 1.35
C THR B 397 -15.44 -0.65 2.06
N ILE B 398 -15.54 -0.21 3.30
CA ILE B 398 -16.65 -0.55 4.19
C ILE B 398 -17.23 0.75 4.73
N THR B 399 -18.56 0.85 4.71
CA THR B 399 -19.24 2.01 5.25
C THR B 399 -20.50 1.58 6.00
N GLN B 400 -20.70 2.19 7.17
CA GLN B 400 -21.95 2.11 7.91
C GLN B 400 -22.42 0.69 8.25
N PRO B 401 -21.61 -0.13 8.91
CA PRO B 401 -22.19 -1.27 9.63
C PRO B 401 -23.07 -0.73 10.74
N ASN B 402 -24.29 -1.28 10.87
CA ASN B 402 -25.28 -0.63 11.75
C ASN B 402 -24.91 -0.73 13.22
N LEU B 403 -24.29 -1.84 13.60
CA LEU B 403 -23.78 -2.08 14.94
C LEU B 403 -22.52 -2.91 14.78
N ALA B 404 -21.74 -3.02 15.86
CA ALA B 404 -20.49 -3.75 15.81
C ALA B 404 -19.49 -3.13 14.82
N ASN B 405 -18.64 -3.94 14.22
CA ASN B 405 -17.37 -3.44 13.69
C ASN B 405 -17.37 -3.35 12.17
N GLY B 406 -16.44 -2.55 11.65
CA GLY B 406 -16.16 -2.62 10.23
C GLY B 406 -15.53 -3.96 9.87
N ILE B 407 -14.42 -4.27 10.53
CA ILE B 407 -13.76 -5.57 10.42
C ILE B 407 -13.56 -6.09 11.83
N ALA B 408 -13.98 -7.34 12.08
CA ALA B 408 -13.79 -7.99 13.37
C ALA B 408 -13.05 -9.31 13.15
N ILE B 409 -11.93 -9.47 13.85
CA ILE B 409 -11.18 -10.72 13.85
C ILE B 409 -11.31 -11.30 15.24
N TYR B 410 -12.14 -12.34 15.40
CA TYR B 410 -12.32 -13.02 16.69
C TYR B 410 -11.52 -14.31 16.62
N GLY B 411 -10.35 -14.29 17.24
CA GLY B 411 -9.46 -15.44 17.23
C GLY B 411 -8.81 -15.65 15.86
N GLY B 412 -8.25 -16.84 15.68
CA GLY B 412 -7.59 -17.19 14.43
C GLY B 412 -6.09 -16.95 14.47
N THR B 413 -5.45 -17.32 13.36
CA THR B 413 -3.99 -17.48 13.32
C THR B 413 -3.43 -16.87 12.06
N ASP B 414 -2.38 -16.04 12.21
CA ASP B 414 -1.65 -15.53 11.05
C ASP B 414 -2.60 -14.84 10.06
N ILE B 415 -3.36 -13.90 10.59
CA ILE B 415 -4.41 -13.16 9.87
CA ILE B 415 -4.39 -13.19 9.83
C ILE B 415 -3.87 -11.81 9.44
N THR B 416 -4.24 -11.37 8.23
CA THR B 416 -3.86 -10.06 7.71
C THR B 416 -5.10 -9.23 7.42
N VAL B 417 -5.10 -7.99 7.93
CA VAL B 417 -6.11 -6.99 7.64
C VAL B 417 -5.34 -5.80 7.08
N LYS B 418 -5.42 -5.59 5.76
CA LYS B 418 -4.49 -4.70 5.08
C LYS B 418 -5.20 -3.80 4.09
N GLY B 419 -4.89 -2.50 4.14
CA GLY B 419 -5.32 -1.60 3.08
C GLY B 419 -6.79 -1.34 2.96
N ASN B 420 -7.56 -1.56 4.03
CA ASN B 420 -9.00 -1.33 4.00
C ASN B 420 -9.32 0.11 4.36
N LEU B 421 -10.40 0.62 3.76
CA LEU B 421 -10.96 1.93 4.09
C LEU B 421 -12.28 1.67 4.78
N ILE B 422 -12.39 2.13 6.02
CA ILE B 422 -13.56 1.84 6.86
C ILE B 422 -14.06 3.16 7.42
N SER B 423 -15.33 3.47 7.17
CA SER B 423 -15.89 4.75 7.58
C SER B 423 -17.23 4.56 8.26
N ASP B 424 -17.45 5.36 9.30
CA ASP B 424 -18.76 5.55 9.93
C ASP B 424 -19.30 4.29 10.59
N THR B 425 -18.70 3.93 11.73
CA THR B 425 -19.18 2.81 12.53
C THR B 425 -19.99 3.32 13.73
N ASN B 426 -20.63 2.38 14.41
CA ASN B 426 -21.67 2.73 15.38
C ASN B 426 -21.49 2.01 16.70
N ALA B 427 -22.48 2.14 17.57
CA ALA B 427 -22.40 1.57 18.91
C ALA B 427 -22.17 0.06 18.81
N LEU B 428 -21.41 -0.44 19.76
CA LEU B 428 -21.07 -1.83 19.99
C LEU B 428 -19.83 -2.25 19.21
N GLY B 429 -19.20 -1.36 18.44
CA GLY B 429 -17.98 -1.75 17.77
C GLY B 429 -16.96 -0.65 17.52
N SER B 430 -15.99 -0.99 16.69
CA SER B 430 -14.85 -0.17 16.30
C SER B 430 -14.70 -0.25 14.79
N GLY B 431 -13.82 0.57 14.23
CA GLY B 431 -13.47 0.40 12.83
C GLY B 431 -12.89 -0.99 12.58
N ILE B 432 -11.86 -1.37 13.35
CA ILE B 432 -11.25 -2.69 13.33
C ILE B 432 -11.19 -3.18 14.77
N ALA B 433 -11.62 -4.42 14.99
CA ALA B 433 -11.47 -5.09 16.29
C ALA B 433 -10.65 -6.36 16.10
N ILE B 434 -9.59 -6.49 16.90
CA ILE B 434 -8.78 -7.70 16.98
C ILE B 434 -9.05 -8.27 18.37
N SER B 435 -9.75 -9.41 18.44
CA SER B 435 -10.46 -9.75 19.66
C SER B 435 -10.36 -11.23 20.03
N ASN B 436 -10.37 -11.48 21.34
CA ASN B 436 -10.52 -12.81 21.93
C ASN B 436 -11.89 -13.03 22.55
N GLN B 437 -12.91 -12.36 22.02
CA GLN B 437 -14.30 -12.62 22.41
C GLN B 437 -14.77 -13.91 21.74
N LYS B 438 -15.19 -14.89 22.55
CA LYS B 438 -15.43 -16.26 22.08
C LYS B 438 -16.81 -16.41 21.41
N PHE B 439 -17.85 -15.89 22.05
CA PHE B 439 -19.26 -16.11 21.69
C PHE B 439 -19.77 -17.54 21.89
N ALA B 440 -18.97 -18.55 21.51
CA ALA B 440 -19.36 -19.95 21.60
C ALA B 440 -18.09 -20.79 21.68
N GLU B 441 -18.25 -22.08 22.01
CA GLU B 441 -17.13 -23.01 21.99
C GLU B 441 -17.37 -24.09 20.95
N PRO B 442 -16.30 -24.71 20.41
CA PRO B 442 -14.89 -24.49 20.71
C PRO B 442 -14.27 -23.33 19.94
N PHE B 443 -13.74 -22.36 20.66
CA PHE B 443 -13.18 -21.14 20.08
C PHE B 443 -11.66 -21.22 20.10
N HIS B 444 -11.05 -20.69 19.04
CA HIS B 444 -9.60 -20.68 18.93
C HIS B 444 -9.08 -19.25 19.03
N PRO B 445 -8.47 -18.87 20.15
CA PRO B 445 -8.05 -17.47 20.34
C PRO B 445 -6.93 -17.08 19.39
N LEU B 446 -6.66 -15.78 19.37
CA LEU B 446 -5.65 -15.23 18.48
C LEU B 446 -4.31 -15.92 18.68
N ALA B 447 -3.65 -16.26 17.57
CA ALA B 447 -2.39 -16.98 17.63
C ALA B 447 -1.49 -16.53 16.48
N GLY B 448 -0.19 -16.73 16.66
CA GLY B 448 0.74 -16.40 15.59
C GLY B 448 0.92 -14.89 15.51
N THR B 449 0.80 -14.35 14.31
CA THR B 449 0.96 -12.92 14.07
C THR B 449 -0.31 -12.39 13.43
N ILE B 450 -0.85 -11.30 13.97
CA ILE B 450 -1.97 -10.61 13.35
C ILE B 450 -1.41 -9.33 12.76
N THR B 451 -1.46 -9.21 11.43
CA THR B 451 -0.88 -8.10 10.71
C THR B 451 -1.98 -7.14 10.30
N VAL B 452 -1.94 -5.93 10.85
CA VAL B 452 -2.96 -4.91 10.60
C VAL B 452 -2.23 -3.73 9.96
N ASP B 453 -2.23 -3.66 8.63
CA ASP B 453 -1.32 -2.79 7.90
C ASP B 453 -2.06 -1.91 6.89
N GLY B 454 -1.76 -0.62 6.87
CA GLY B 454 -2.21 0.23 5.78
C GLY B 454 -3.69 0.57 5.78
N ASN B 455 -4.38 0.41 6.90
CA ASN B 455 -5.81 0.70 6.95
C ASN B 455 -6.07 2.17 7.25
N THR B 456 -7.20 2.67 6.75
CA THR B 456 -7.66 4.03 6.99
C THR B 456 -9.04 3.95 7.63
N LEU B 457 -9.18 4.60 8.80
CA LEU B 457 -10.38 4.54 9.63
C LEU B 457 -10.91 5.95 9.83
N VAL B 458 -12.12 6.21 9.33
CA VAL B 458 -12.68 7.55 9.26
C VAL B 458 -13.99 7.59 10.03
N ARG B 459 -14.07 8.44 11.06
CA ARG B 459 -15.28 8.57 11.87
C ARG B 459 -15.73 7.23 12.44
N THR B 460 -14.76 6.49 13.01
CA THR B 460 -15.02 5.21 13.64
C THR B 460 -14.78 5.29 15.15
N GLY B 461 -15.50 4.44 15.88
CA GLY B 461 -15.63 4.49 17.32
C GLY B 461 -16.99 5.05 17.73
N ALA B 462 -17.40 4.71 18.96
CA ALA B 462 -18.75 5.03 19.41
C ALA B 462 -18.90 4.73 20.90
N ILE B 463 -19.85 5.40 21.54
CA ILE B 463 -20.19 5.08 22.91
C ILE B 463 -20.90 3.73 22.96
N ASN B 464 -20.44 2.83 23.84
CA ASN B 464 -21.14 1.58 24.09
C ASN B 464 -22.20 1.81 25.14
N PRO B 465 -23.48 1.60 24.84
CA PRO B 465 -24.53 1.87 25.83
C PRO B 465 -24.47 0.96 27.05
N ASN B 466 -23.86 -0.22 26.95
CA ASN B 466 -23.86 -1.15 28.06
C ASN B 466 -22.93 -0.71 29.18
N TRP B 467 -21.76 -0.16 28.83
CA TRP B 467 -20.82 0.36 29.83
C TRP B 467 -20.86 1.88 29.93
N ASN B 468 -21.56 2.56 29.03
CA ASN B 468 -21.49 4.02 28.91
C ASN B 468 -20.05 4.50 28.73
N HIS B 469 -19.23 3.68 28.08
CA HIS B 469 -17.84 3.99 27.82
C HIS B 469 -17.54 3.75 26.35
N PRO B 470 -16.65 4.54 25.77
CA PRO B 470 -16.49 4.50 24.32
C PRO B 470 -15.55 3.41 23.82
N MET B 471 -15.84 2.98 22.61
CA MET B 471 -14.97 2.13 21.82
CA MET B 471 -14.96 2.14 21.83
CA MET B 471 -14.92 2.14 21.86
C MET B 471 -14.17 3.02 20.87
N GLY B 472 -12.90 2.69 20.67
CA GLY B 472 -12.05 3.45 19.77
C GLY B 472 -12.12 2.97 18.33
N ALA B 473 -11.37 3.67 17.49
CA ALA B 473 -11.34 3.35 16.07
C ALA B 473 -10.76 1.98 15.81
N LEU B 474 -9.67 1.63 16.49
CA LEU B 474 -9.00 0.35 16.32
C LEU B 474 -8.78 -0.21 17.71
N ARG B 475 -9.35 -1.37 17.99
CA ARG B 475 -9.20 -1.96 19.31
C ARG B 475 -8.59 -3.34 19.26
N VAL B 476 -7.77 -3.63 20.28
CA VAL B 476 -7.30 -4.96 20.59
C VAL B 476 -7.93 -5.33 21.92
N ASP B 477 -8.65 -6.45 21.94
CA ASP B 477 -9.65 -6.72 22.97
C ASP B 477 -9.43 -8.13 23.55
N SER B 478 -8.86 -8.20 24.74
CA SER B 478 -8.58 -9.48 25.41
C SER B 478 -9.83 -9.98 26.14
N TYR B 479 -10.91 -10.15 25.38
CA TYR B 479 -12.24 -10.24 25.99
C TYR B 479 -12.36 -11.45 26.91
N ASP B 480 -12.10 -12.64 26.40
CA ASP B 480 -12.20 -13.86 27.20
C ASP B 480 -10.85 -14.49 27.51
N SER B 481 -9.75 -13.94 26.96
CA SER B 481 -8.42 -14.45 27.25
C SER B 481 -7.40 -13.40 26.83
N ALA B 482 -6.21 -13.48 27.43
CA ALA B 482 -5.12 -12.55 27.14
C ALA B 482 -4.64 -12.71 25.69
N ILE B 483 -4.05 -11.64 25.16
CA ILE B 483 -3.53 -11.64 23.79
C ILE B 483 -2.22 -12.42 23.74
N GLU B 484 -2.24 -13.60 23.11
CA GLU B 484 -1.04 -14.43 23.00
C GLU B 484 -0.42 -14.42 21.62
N ALA B 485 -1.03 -13.73 20.67
CA ALA B 485 -0.47 -13.50 19.34
C ALA B 485 0.33 -12.20 19.37
N ARG B 486 1.26 -12.08 18.44
CA ARG B 486 1.85 -10.79 18.14
C ARG B 486 0.87 -10.02 17.28
N VAL B 487 0.57 -8.78 17.65
CA VAL B 487 -0.33 -7.93 16.88
C VAL B 487 0.48 -6.74 16.40
N ASP B 488 0.70 -6.67 15.08
CA ASP B 488 1.55 -5.66 14.45
C ASP B 488 0.64 -4.71 13.69
N ILE B 489 0.54 -3.47 14.16
CA ILE B 489 -0.37 -2.47 13.61
C ILE B 489 0.49 -1.40 12.97
N THR B 490 0.52 -1.38 11.63
CA THR B 490 1.47 -0.58 10.89
C THR B 490 0.77 0.30 9.85
N ASP B 491 1.34 1.49 9.63
CA ASP B 491 0.88 2.41 8.58
CA ASP B 491 0.88 2.38 8.56
C ASP B 491 -0.63 2.63 8.62
N THR B 492 -1.11 3.03 9.78
CA THR B 492 -2.54 3.28 9.97
C THR B 492 -2.85 4.76 9.89
N THR B 493 -3.91 5.10 9.17
CA THR B 493 -4.44 6.45 9.12
C THR B 493 -5.77 6.46 9.87
N ILE B 494 -5.86 7.28 10.91
CA ILE B 494 -7.06 7.35 11.74
C ILE B 494 -7.49 8.81 11.79
N THR B 495 -8.69 9.09 11.28
CA THR B 495 -9.11 10.46 11.03
C THR B 495 -10.51 10.70 11.57
N ASP B 496 -10.67 11.81 12.29
CA ASP B 496 -12.00 12.28 12.70
C ASP B 496 -12.71 11.26 13.59
N SER B 497 -11.95 10.65 14.51
CA SER B 497 -12.55 9.69 15.43
C SER B 497 -13.37 10.43 16.48
N PRO B 498 -14.62 10.03 16.74
CA PRO B 498 -15.40 10.73 17.76
C PRO B 498 -14.84 10.55 19.16
N TYR B 499 -14.20 9.42 19.44
CA TYR B 499 -13.61 9.18 20.75
C TYR B 499 -12.11 8.93 20.59
N SER B 500 -11.62 7.73 20.87
CA SER B 500 -10.20 7.44 20.85
C SER B 500 -9.78 6.80 19.53
N ALA B 501 -8.47 6.83 19.29
CA ALA B 501 -7.89 6.22 18.08
C ALA B 501 -7.59 4.74 18.31
N PHE B 502 -6.60 4.45 19.16
CA PHE B 502 -6.23 3.07 19.50
C PHE B 502 -6.79 2.75 20.88
N GLU B 503 -7.42 1.58 21.00
CA GLU B 503 -7.98 1.14 22.26
C GLU B 503 -7.47 -0.24 22.61
N PHE B 504 -6.99 -0.41 23.85
CA PHE B 504 -6.54 -1.69 24.38
C PHE B 504 -7.43 -1.98 25.58
N VAL B 505 -8.23 -3.04 25.47
CA VAL B 505 -9.34 -3.25 26.42
C VAL B 505 -9.50 -4.74 26.65
N SER B 506 -10.11 -5.08 27.79
CA SER B 506 -10.55 -6.45 28.07
C SER B 506 -12.06 -6.36 28.30
N GLY B 507 -12.83 -6.58 27.23
CA GLY B 507 -14.21 -6.14 27.19
C GLY B 507 -15.16 -6.90 28.10
N GLY B 508 -14.77 -8.07 28.59
CA GLY B 508 -15.60 -8.77 29.53
C GLY B 508 -15.46 -8.30 30.96
N GLY B 509 -14.62 -7.30 31.21
CA GLY B 509 -14.39 -6.80 32.55
C GLY B 509 -13.46 -7.66 33.39
N GLN B 510 -12.78 -8.62 32.80
CA GLN B 510 -11.98 -9.57 33.55
C GLN B 510 -10.49 -9.23 33.58
N GLY B 511 -10.08 -8.14 32.95
CA GLY B 511 -8.72 -7.67 33.14
C GLY B 511 -7.63 -8.52 32.52
N HIS B 512 -7.95 -9.24 31.44
CA HIS B 512 -6.91 -10.02 30.77
C HIS B 512 -5.94 -9.07 30.06
N ALA B 513 -4.67 -9.49 30.00
CA ALA B 513 -3.63 -8.63 29.45
C ALA B 513 -3.75 -8.44 27.94
N VAL B 514 -3.54 -7.21 27.49
CA VAL B 514 -3.33 -6.87 26.09
C VAL B 514 -1.83 -6.61 25.96
N LYS B 515 -1.13 -7.53 25.31
CA LYS B 515 0.32 -7.50 25.25
C LYS B 515 0.73 -7.97 23.86
N ASN B 516 2.03 -7.90 23.59
CA ASN B 516 2.60 -8.30 22.30
C ASN B 516 2.11 -7.42 21.15
N VAL B 517 1.75 -6.18 21.45
CA VAL B 517 1.25 -5.23 20.46
C VAL B 517 2.37 -4.28 20.07
N THR B 518 2.56 -4.08 18.77
CA THR B 518 3.44 -3.05 18.24
C THR B 518 2.63 -2.17 17.31
N VAL B 519 2.69 -0.86 17.52
CA VAL B 519 2.10 0.13 16.63
C VAL B 519 3.25 0.91 16.02
N ASP B 520 3.45 0.79 14.71
CA ASP B 520 4.60 1.39 14.04
C ASP B 520 4.10 2.12 12.80
N GLY B 521 4.07 3.44 12.88
CA GLY B 521 3.72 4.27 11.74
C GLY B 521 2.24 4.57 11.72
N ALA B 522 1.87 5.79 12.08
CA ALA B 522 0.45 6.14 12.02
C ALA B 522 0.32 7.64 11.86
N ALA B 523 -0.74 8.04 11.17
CA ALA B 523 -1.13 9.45 11.02
C ALA B 523 -2.50 9.55 11.65
N VAL B 524 -2.57 10.21 12.81
CA VAL B 524 -3.78 10.30 13.61
C VAL B 524 -4.17 11.76 13.64
N LYS B 525 -5.40 12.06 13.19
CA LYS B 525 -5.84 13.44 13.03
CA LYS B 525 -5.83 13.45 13.06
C LYS B 525 -7.24 13.60 13.60
N ASN B 526 -7.44 14.65 14.41
CA ASN B 526 -8.75 15.06 14.89
CA ASN B 526 -8.76 15.05 14.89
C ASN B 526 -9.44 13.94 15.68
N THR B 527 -8.80 13.56 16.77
CA THR B 527 -9.30 12.53 17.67
C THR B 527 -10.06 13.20 18.81
N GLY B 528 -11.29 12.76 19.03
CA GLY B 528 -12.14 13.42 20.02
C GLY B 528 -11.55 13.41 21.42
N THR B 529 -10.99 12.27 21.85
CA THR B 529 -10.47 12.15 23.21
C THR B 529 -8.97 11.90 23.23
N VAL B 530 -8.55 10.65 23.10
CA VAL B 530 -7.15 10.29 23.29
C VAL B 530 -6.64 9.46 22.12
N VAL B 531 -5.33 9.57 21.87
CA VAL B 531 -4.71 8.71 20.85
C VAL B 531 -4.69 7.26 21.30
N VAL B 532 -4.40 7.02 22.58
CA VAL B 532 -4.34 5.67 23.14
C VAL B 532 -5.27 5.61 24.34
N GLN B 533 -6.26 4.72 24.27
CA GLN B 533 -7.17 4.43 25.38
C GLN B 533 -6.82 3.05 25.91
N ALA B 534 -6.06 3.01 27.01
CA ALA B 534 -5.57 1.75 27.57
C ALA B 534 -6.38 1.44 28.83
N GLU B 535 -7.17 0.38 28.76
CA GLU B 535 -8.10 -0.02 29.82
C GLU B 535 -7.86 -1.43 30.31
N ALA B 536 -6.75 -2.05 29.95
CA ALA B 536 -6.37 -3.38 30.40
C ALA B 536 -4.91 -3.35 30.79
N PRO B 537 -4.48 -4.26 31.66
CA PRO B 537 -3.04 -4.42 31.88
C PRO B 537 -2.40 -4.90 30.59
N GLY B 538 -1.09 -4.71 30.51
CA GLY B 538 -0.34 -5.24 29.39
C GLY B 538 0.75 -4.32 28.92
N GLU B 539 1.05 -4.38 27.62
CA GLU B 539 2.09 -3.53 27.08
C GLU B 539 1.93 -3.40 25.57
N ALA B 540 2.35 -2.25 25.06
CA ALA B 540 2.46 -2.04 23.62
C ALA B 540 3.65 -1.13 23.37
N THR B 541 4.33 -1.36 22.26
CA THR B 541 5.40 -0.48 21.80
C THR B 541 4.86 0.39 20.68
N PHE B 542 5.09 1.70 20.77
CA PHE B 542 4.65 2.66 19.77
C PHE B 542 5.85 3.35 19.16
N ARG B 543 5.91 3.37 17.84
CA ARG B 543 6.94 4.13 17.14
C ARG B 543 6.31 4.81 15.93
N ASN B 544 6.83 5.99 15.61
CA ASN B 544 6.47 6.68 14.38
C ASN B 544 4.98 7.01 14.29
N VAL B 545 4.37 7.32 15.43
CA VAL B 545 2.96 7.70 15.48
C VAL B 545 2.89 9.21 15.60
N THR B 546 2.35 9.86 14.58
CA THR B 546 2.20 11.32 14.53
CA THR B 546 2.20 11.31 14.54
C THR B 546 0.74 11.65 14.73
N ALA B 547 0.45 12.48 15.73
CA ALA B 547 -0.93 12.88 16.03
C ALA B 547 -1.06 14.39 15.98
N THR B 548 -2.19 14.86 15.45
CA THR B 548 -2.57 16.27 15.51
C THR B 548 -4.05 16.38 15.86
N GLY B 549 -4.42 17.48 16.48
CA GLY B 549 -5.83 17.72 16.79
C GLY B 549 -6.43 16.75 17.78
N THR B 550 -5.71 16.42 18.85
CA THR B 550 -6.20 15.49 19.85
C THR B 550 -6.95 16.25 20.94
N GLY B 551 -8.16 15.80 21.26
CA GLY B 551 -9.03 16.61 22.10
C GLY B 551 -8.62 16.68 23.56
N ALA B 552 -8.25 15.55 24.16
CA ALA B 552 -8.10 15.48 25.60
C ALA B 552 -6.68 15.22 26.07
N ALA B 553 -6.01 14.21 25.56
CA ALA B 553 -4.68 13.85 26.02
C ALA B 553 -4.11 12.84 25.04
N GLY B 554 -2.81 12.61 25.13
CA GLY B 554 -2.21 11.58 24.30
C GLY B 554 -2.69 10.20 24.69
N ILE B 555 -2.70 9.92 25.99
CA ILE B 555 -2.96 8.58 26.53
C ILE B 555 -3.95 8.70 27.68
N TYR B 556 -4.96 7.84 27.68
CA TYR B 556 -5.75 7.54 28.87
C TYR B 556 -5.27 6.15 29.29
N ASN B 557 -4.62 6.07 30.45
CA ASN B 557 -3.99 4.82 30.88
C ASN B 557 -4.60 4.44 32.21
N CYS B 558 -5.64 3.60 32.16
CA CYS B 558 -6.42 3.27 33.35
CA CYS B 558 -6.41 3.26 33.34
C CYS B 558 -6.94 1.84 33.23
N PRO B 559 -6.11 0.86 33.54
CA PRO B 559 -6.58 -0.53 33.47
C PRO B 559 -7.83 -0.75 34.32
N PHE B 560 -8.73 -1.58 33.79
CA PHE B 560 -9.97 -1.97 34.42
C PHE B 560 -10.00 -3.49 34.51
N PRO B 561 -10.38 -4.07 35.66
CA PRO B 561 -10.74 -3.41 36.92
C PRO B 561 -9.60 -2.57 37.47
N SER B 562 -9.95 -1.56 38.25
CA SER B 562 -8.95 -0.66 38.81
C SER B 562 -7.85 -1.45 39.52
N GLY B 563 -6.62 -1.11 39.20
CA GLY B 563 -5.49 -1.76 39.83
C GLY B 563 -5.16 -3.13 39.32
N SER B 564 -5.79 -3.58 38.22
CA SER B 564 -5.55 -4.95 37.77
C SER B 564 -4.14 -5.18 37.25
N GLY B 565 -3.41 -4.13 36.94
CA GLY B 565 -2.04 -4.23 36.45
C GLY B 565 -1.65 -2.90 35.86
N THR B 566 -0.42 -2.84 35.36
CA THR B 566 0.06 -1.69 34.61
CA THR B 566 0.02 -1.69 34.61
C THR B 566 -0.08 -1.99 33.12
N PHE B 567 -0.42 -0.96 32.35
CA PHE B 567 -0.28 -1.00 30.90
C PHE B 567 0.94 -0.14 30.56
N THR B 568 1.99 -0.78 30.05
CA THR B 568 3.21 -0.07 29.71
C THR B 568 3.16 0.39 28.26
N VAL B 569 3.19 1.69 28.04
CA VAL B 569 3.31 2.27 26.71
C VAL B 569 4.80 2.51 26.47
N THR B 570 5.43 1.68 25.66
CA THR B 570 6.85 1.82 25.39
C THR B 570 7.04 2.79 24.23
N ASP B 571 7.80 3.86 24.47
CA ASP B 571 8.10 4.86 23.45
C ASP B 571 9.29 4.35 22.65
N GLY B 572 9.01 3.82 21.46
CA GLY B 572 10.04 3.33 20.56
C GLY B 572 10.68 4.38 19.68
N GLY B 573 10.25 5.63 19.79
CA GLY B 573 10.84 6.70 19.03
C GLY B 573 9.97 7.15 17.86
N GLY B 574 10.22 8.36 17.41
CA GLY B 574 9.55 8.92 16.25
C GLY B 574 8.12 9.35 16.48
N ASN B 575 7.65 9.40 17.74
CA ASN B 575 6.29 9.78 18.05
C ASN B 575 6.21 11.28 18.29
N SER B 576 5.09 11.87 17.89
CA SER B 576 4.88 13.29 18.14
C SER B 576 3.40 13.61 18.28
N GLY B 577 3.09 14.61 19.09
CA GLY B 577 1.74 15.10 19.24
C GLY B 577 0.89 14.41 20.28
N TRP B 578 1.45 13.48 21.05
CA TRP B 578 0.67 12.78 22.06
C TRP B 578 1.53 12.47 23.28
N ASP B 579 2.25 13.49 23.76
CA ASP B 579 3.26 13.39 24.82
C ASP B 579 2.66 13.45 26.23
N THR B 580 1.35 13.33 26.40
CA THR B 580 0.72 13.51 27.70
C THR B 580 -0.17 12.32 28.04
N THR B 581 -0.35 12.13 29.35
CA THR B 581 -1.22 11.11 29.90
C THR B 581 -2.27 11.79 30.77
N TRP B 582 -3.53 11.40 30.57
CA TRP B 582 -4.62 11.91 31.40
C TRP B 582 -4.32 11.65 32.88
N SER B 583 -4.47 12.69 33.69
CA SER B 583 -3.93 12.63 35.06
C SER B 583 -4.84 11.90 36.03
N ASP B 584 -6.14 11.85 35.77
CA ASP B 584 -7.13 11.42 36.75
C ASP B 584 -7.92 10.24 36.21
N CYS B 585 -7.57 9.06 36.69
CA CYS B 585 -8.18 7.84 36.22
C CYS B 585 -9.59 7.62 36.76
N SER B 586 -10.03 8.42 37.73
CA SER B 586 -11.40 8.34 38.22
C SER B 586 -12.39 9.06 37.31
N THR B 587 -11.91 9.74 36.28
CA THR B 587 -12.76 10.44 35.33
C THR B 587 -12.46 9.95 33.92
N TRP B 588 -13.40 10.22 33.02
CA TRP B 588 -13.24 9.88 31.62
C TRP B 588 -13.07 11.15 30.82
N PRO B 589 -12.07 11.23 29.97
CA PRO B 589 -11.93 12.41 29.10
C PRO B 589 -13.12 12.50 28.16
N GLN B 590 -13.63 13.71 27.97
CA GLN B 590 -14.79 13.86 27.12
C GLN B 590 -14.43 14.63 25.85
N PRO B 591 -15.09 14.33 24.72
CA PRO B 591 -14.80 15.01 23.45
C PRO B 591 -15.48 16.38 23.37
CA CA C . 15.50 5.07 -21.42
OH2 1PE D . 4.43 -13.75 21.33
C12 1PE D . 4.31 -14.97 20.66
C22 1PE D . 3.74 -14.74 19.26
OH3 1PE D . 4.52 -15.41 18.32
C13 1PE D . 5.69 -15.15 16.25
C23 1PE D . 4.40 -14.89 17.02
OH4 1PE D . 6.57 -14.07 16.42
C14 1PE D . 8.96 -13.99 16.17
C24 1PE D . 7.60 -14.01 15.48
OH5 1PE D . 9.97 -14.10 15.20
C15 1PE D . 12.11 -15.04 14.70
C25 1PE D . 11.25 -14.31 15.73
OH6 1PE D . 11.75 -16.39 14.68
C16 1PE D . 11.51 -18.48 13.55
C26 1PE D . 11.95 -17.02 13.45
OH7 1PE D . 12.46 -19.19 14.31
CA CA E . -24.49 11.42 3.58
#